data_4CKL
#
_entry.id   4CKL
#
_cell.length_a   160.820
_cell.length_b   96.050
_cell.length_c   112.350
_cell.angle_alpha   90.00
_cell.angle_beta   132.72
_cell.angle_gamma   90.00
#
_symmetry.space_group_name_H-M   'C 1 2 1'
#
loop_
_entity.id
_entity.type
_entity.pdbx_description
1 polymer 'DNA GYRASE SUBUNIT A'
2 non-polymer 'SIMOCYCLINONE D8'
3 water water
#
_entity_poly.entity_id   1
_entity_poly.type   'polypeptide(L)'
_entity_poly.pdbx_seq_one_letter_code
;VGRALPDVRDGLKPVHRRVLYAMNVLGNDWNKAYKKSARVVGDVIGKYHPHGDSAVYDTIVRMAQPFSLRYMLVDGQGNF
GSIDGDSAAAMRYTEIRLAKIAHELMADLEKETVDFVDNYDGTEKIPDVMPTKIPNLLVNGSSGIAVGMATNIPPHNLTE
VINGCLAYIDDEDISIEGLMEHIPGPDFPTAAIINGRRGIEEAYRTGRGKVYIRARAEVEVDAKTGRETIIVHEIPYQVN
KARLIEKIAELVKEKRVEGISALRDESDKDGMRIVIEVKRDAVGEVVLNNLYSQTQLQVSFGINMVALHHGQPKIMNLKD
IIAAFVRHRREVVTRRTIFELRKARDRAHILEALAVALANIDPIIELIRHAPTPAEAKTALVANPWQLGNVAAMLERAGD
DAARPEWLEPEFGVRDGLYYLTEQQAQAILDLRLQKLTGLEHEKLLDEYKELLDQIAELLRILGSADRLMEVIREELELV
REQFGDKRRTEIT
;
_entity_poly.pdbx_strand_id   A,B
#
loop_
_chem_comp.id
_chem_comp.type
_chem_comp.name
_chem_comp.formula
SM8 non-polymer 'SIMOCYCLINONE D8' 'C46 H42 Cl N O18'
#
# COMPACT_ATOMS: atom_id res chain seq x y z
N ALA A 4 3.30 -28.95 -27.28
CA ALA A 4 4.70 -28.56 -27.61
C ALA A 4 4.90 -27.04 -27.57
N LEU A 5 3.87 -26.25 -27.85
CA LEU A 5 4.02 -24.78 -27.71
C LEU A 5 3.36 -24.30 -26.43
N PRO A 6 3.94 -23.29 -25.74
CA PRO A 6 3.24 -22.78 -24.57
C PRO A 6 1.99 -22.00 -24.98
N ASP A 7 0.98 -22.03 -24.12
CA ASP A 7 -0.22 -21.18 -24.31
C ASP A 7 0.23 -19.76 -23.99
N VAL A 8 -0.09 -18.79 -24.83
CA VAL A 8 0.36 -17.39 -24.61
C VAL A 8 -0.15 -16.83 -23.24
N ARG A 9 -1.29 -17.33 -22.77
CA ARG A 9 -1.96 -16.77 -21.58
C ARG A 9 -1.28 -17.18 -20.27
N ASP A 10 -0.88 -18.44 -20.12
CA ASP A 10 -0.25 -18.89 -18.89
C ASP A 10 1.19 -19.28 -19.03
N GLY A 11 1.67 -19.31 -20.24
CA GLY A 11 3.07 -19.68 -20.47
C GLY A 11 3.37 -21.14 -20.29
N LEU A 12 2.37 -21.97 -20.15
CA LEU A 12 2.66 -23.37 -19.85
C LEU A 12 2.43 -24.25 -21.05
N LYS A 13 3.18 -25.33 -21.15
CA LYS A 13 2.82 -26.43 -22.02
C LYS A 13 1.96 -27.42 -21.24
N PRO A 14 1.35 -28.39 -21.96
CA PRO A 14 0.43 -29.34 -21.28
C PRO A 14 1.08 -30.07 -20.13
N VAL A 15 2.31 -30.53 -20.30
CA VAL A 15 2.94 -31.27 -19.21
C VAL A 15 3.10 -30.41 -17.96
N HIS A 16 3.50 -29.16 -18.11
CA HIS A 16 3.66 -28.26 -16.97
C HIS A 16 2.35 -28.01 -16.29
N ARG A 17 1.32 -27.79 -17.09
CA ARG A 17 0.00 -27.53 -16.54
C ARG A 17 -0.54 -28.73 -15.80
N ARG A 18 -0.32 -29.92 -16.33
CA ARG A 18 -0.79 -31.14 -15.66
C ARG A 18 -0.06 -31.39 -14.33
N VAL A 19 1.24 -31.15 -14.27
CA VAL A 19 1.97 -31.20 -13.02
C VAL A 19 1.42 -30.25 -11.96
N LEU A 20 1.29 -28.98 -12.33
CA LEU A 20 0.83 -28.01 -11.37
C LEU A 20 -0.60 -28.23 -10.95
N TYR A 21 -1.44 -28.64 -11.90
CA TYR A 21 -2.77 -29.02 -11.56
C TYR A 21 -2.84 -30.17 -10.55
N ALA A 22 -2.09 -31.23 -10.77
CA ALA A 22 -2.07 -32.36 -9.82
C ALA A 22 -1.64 -31.92 -8.43
N MET A 23 -0.68 -31.00 -8.36
CA MET A 23 -0.24 -30.46 -7.06
C MET A 23 -1.34 -29.66 -6.34
N ASN A 24 -2.09 -28.90 -7.14
CA ASN A 24 -3.24 -28.14 -6.63
C ASN A 24 -4.29 -29.09 -6.09
N VAL A 25 -4.65 -30.11 -6.89
CA VAL A 25 -5.65 -31.16 -6.48
C VAL A 25 -5.20 -31.94 -5.25
N LEU A 26 -3.93 -32.24 -5.15
CA LEU A 26 -3.38 -32.83 -3.94
C LEU A 26 -3.39 -31.94 -2.70
N GLY A 27 -3.63 -30.65 -2.85
CA GLY A 27 -3.49 -29.71 -1.72
C GLY A 27 -2.04 -29.55 -1.30
N ASN A 28 -1.13 -29.67 -2.27
CA ASN A 28 0.33 -29.68 -2.02
C ASN A 28 0.81 -28.23 -1.99
N ASP A 29 0.26 -27.50 -1.02
CA ASP A 29 0.36 -26.05 -0.91
C ASP A 29 1.65 -25.55 -0.27
N TRP A 30 1.92 -24.27 -0.49
CA TRP A 30 3.12 -23.63 0.03
C TRP A 30 3.22 -23.65 1.55
N ASN A 31 2.09 -23.64 2.26
CA ASN A 31 2.07 -23.61 3.72
C ASN A 31 1.73 -24.97 4.38
N LYS A 32 1.92 -26.05 3.65
CA LYS A 32 1.76 -27.38 4.21
C LYS A 32 3.04 -28.17 4.02
N ALA A 33 3.10 -29.34 4.63
CA ALA A 33 4.28 -30.19 4.61
C ALA A 33 4.65 -30.55 3.20
N TYR A 34 5.94 -30.67 2.94
CA TYR A 34 6.42 -31.23 1.67
C TYR A 34 5.84 -32.64 1.43
N LYS A 35 5.67 -33.00 0.18
CA LYS A 35 5.36 -34.36 -0.23
C LYS A 35 6.52 -34.89 -1.08
N LYS A 36 6.71 -36.20 -1.05
CA LYS A 36 7.69 -36.83 -1.94
C LYS A 36 7.28 -36.60 -3.37
N SER A 37 8.25 -36.24 -4.19
CA SER A 37 8.03 -36.06 -5.61
C SER A 37 7.28 -37.21 -6.25
N ALA A 38 7.60 -38.45 -5.85
CA ALA A 38 6.96 -39.65 -6.41
C ALA A 38 5.45 -39.62 -6.32
N ARG A 39 4.91 -39.00 -5.26
CA ARG A 39 3.48 -38.94 -5.15
C ARG A 39 2.84 -38.09 -6.24
N VAL A 40 3.44 -36.95 -6.53
CA VAL A 40 2.95 -36.10 -7.55
C VAL A 40 3.16 -36.71 -8.93
N VAL A 41 4.33 -37.32 -9.16
CA VAL A 41 4.59 -38.04 -10.41
C VAL A 41 3.53 -39.11 -10.67
N GLY A 42 3.24 -39.89 -9.66
CA GLY A 42 2.26 -40.98 -9.76
C GLY A 42 0.86 -40.48 -10.07
N ASP A 43 0.47 -39.41 -9.40
CA ASP A 43 -0.80 -38.78 -9.69
C ASP A 43 -0.91 -38.22 -11.11
N VAL A 44 0.14 -37.52 -11.59
CA VAL A 44 0.19 -37.00 -12.95
C VAL A 44 0.10 -38.10 -14.00
N ILE A 45 0.90 -39.13 -13.82
CA ILE A 45 0.93 -40.29 -14.74
C ILE A 45 -0.42 -41.02 -14.80
N GLY A 46 -1.03 -41.22 -13.65
CA GLY A 46 -2.26 -41.98 -13.58
C GLY A 46 -3.47 -41.23 -14.10
N LYS A 47 -3.48 -39.91 -13.88
CA LYS A 47 -4.69 -39.10 -14.14
C LYS A 47 -4.58 -38.16 -15.35
N TYR A 48 -3.38 -37.66 -15.66
CA TYR A 48 -3.25 -36.55 -16.61
C TYR A 48 -2.29 -36.74 -17.78
N HIS A 49 -1.19 -37.46 -17.56
CA HIS A 49 -0.14 -37.57 -18.53
C HIS A 49 0.33 -39.00 -18.51
N PRO A 50 -0.38 -39.86 -19.24
CA PRO A 50 -0.21 -41.27 -18.99
C PRO A 50 0.95 -41.86 -19.79
N HIS A 51 2.14 -41.35 -19.53
CA HIS A 51 3.36 -41.83 -20.16
C HIS A 51 4.38 -41.98 -19.06
N GLY A 52 5.16 -43.04 -19.14
CA GLY A 52 6.14 -43.28 -18.10
C GLY A 52 7.59 -43.03 -18.49
N ASP A 53 7.90 -41.93 -19.16
CA ASP A 53 9.32 -41.61 -19.38
C ASP A 53 9.71 -40.50 -18.39
N SER A 54 10.85 -39.87 -18.59
CA SER A 54 11.39 -38.98 -17.59
C SER A 54 10.75 -37.59 -17.59
N ALA A 55 9.86 -37.28 -18.53
CA ALA A 55 9.38 -35.90 -18.72
C ALA A 55 8.66 -35.31 -17.53
N VAL A 56 7.80 -36.08 -16.89
CA VAL A 56 7.03 -35.52 -15.79
C VAL A 56 7.99 -35.09 -14.65
N TYR A 57 8.84 -36.00 -14.19
CA TYR A 57 9.80 -35.67 -13.11
C TYR A 57 10.80 -34.60 -13.55
N ASP A 58 11.30 -34.70 -14.78
CA ASP A 58 12.19 -33.66 -15.32
C ASP A 58 11.57 -32.28 -15.23
N THR A 59 10.25 -32.20 -15.47
CA THR A 59 9.53 -30.93 -15.43
C THR A 59 9.41 -30.41 -14.00
N ILE A 60 9.13 -31.30 -13.06
CA ILE A 60 9.12 -30.98 -11.65
C ILE A 60 10.49 -30.42 -11.22
N VAL A 61 11.55 -31.12 -11.58
CA VAL A 61 12.89 -30.73 -11.23
C VAL A 61 13.25 -29.35 -11.82
N ARG A 62 12.96 -29.12 -13.11
CA ARG A 62 13.28 -27.83 -13.76
C ARG A 62 12.57 -26.70 -13.08
N MET A 63 11.30 -26.92 -12.73
CA MET A 63 10.49 -25.90 -12.10
C MET A 63 10.94 -25.51 -10.69
N ALA A 64 11.78 -26.34 -10.10
CA ALA A 64 12.34 -26.09 -8.77
C ALA A 64 13.73 -25.51 -8.77
N GLN A 65 14.41 -25.53 -9.91
CA GLN A 65 15.82 -25.11 -9.95
C GLN A 65 15.93 -23.59 -10.09
N PRO A 66 16.61 -22.94 -9.15
CA PRO A 66 16.74 -21.47 -9.25
C PRO A 66 17.71 -20.99 -10.36
N PHE A 67 18.52 -21.88 -10.92
CA PHE A 67 19.28 -21.58 -12.14
C PHE A 67 18.49 -21.84 -13.45
N SER A 68 17.30 -22.39 -13.34
CA SER A 68 16.47 -22.63 -14.54
C SER A 68 15.31 -21.68 -14.71
N LEU A 69 14.52 -21.51 -13.66
CA LEU A 69 13.37 -20.63 -13.67
C LEU A 69 13.68 -19.34 -12.94
N ARG A 70 13.37 -18.22 -13.60
CA ARG A 70 13.44 -16.89 -12.99
C ARG A 70 12.52 -16.74 -11.74
N TYR A 71 11.34 -17.33 -11.77
CA TYR A 71 10.46 -17.41 -10.61
C TYR A 71 10.04 -18.89 -10.47
N MET A 72 10.70 -19.62 -9.56
CA MET A 72 10.42 -21.06 -9.41
C MET A 72 8.96 -21.31 -9.12
N LEU A 73 8.39 -22.29 -9.79
CA LEU A 73 6.97 -22.70 -9.59
C LEU A 73 6.78 -23.84 -8.57
N VAL A 74 7.87 -24.56 -8.29
CA VAL A 74 7.93 -25.63 -7.31
C VAL A 74 8.96 -25.26 -6.26
N ASP A 75 8.57 -25.41 -5.01
CA ASP A 75 9.46 -25.29 -3.87
C ASP A 75 9.98 -26.72 -3.55
N GLY A 76 11.27 -26.93 -3.78
CA GLY A 76 11.89 -28.23 -3.67
C GLY A 76 12.88 -28.29 -2.53
N GLN A 77 12.91 -29.39 -1.83
CA GLN A 77 13.87 -29.64 -0.77
C GLN A 77 14.55 -30.97 -1.06
N GLY A 78 15.88 -31.01 -0.99
CA GLY A 78 16.68 -32.21 -1.41
C GLY A 78 17.58 -31.85 -2.59
N ASN A 79 18.04 -32.86 -3.30
CA ASN A 79 19.03 -32.64 -4.35
C ASN A 79 18.30 -32.57 -5.69
N PHE A 80 18.21 -31.37 -6.23
CA PHE A 80 17.50 -31.14 -7.51
C PHE A 80 18.48 -30.84 -8.62
N GLY A 81 19.72 -31.27 -8.41
CA GLY A 81 20.76 -31.10 -9.42
C GLY A 81 21.37 -29.75 -9.34
N SER A 82 22.37 -29.53 -10.19
CA SER A 82 23.13 -28.30 -10.15
C SER A 82 23.36 -27.73 -11.54
N ILE A 83 23.92 -26.53 -11.56
CA ILE A 83 24.30 -25.87 -12.80
C ILE A 83 25.44 -26.58 -13.52
N ASP A 84 26.05 -27.57 -12.86
CA ASP A 84 27.05 -28.41 -13.50
C ASP A 84 26.44 -29.59 -14.26
N GLY A 85 25.12 -29.72 -14.23
CA GLY A 85 24.45 -30.76 -15.01
C GLY A 85 24.30 -32.09 -14.31
N ASP A 86 24.67 -32.17 -13.05
CA ASP A 86 24.42 -33.40 -12.31
C ASP A 86 22.90 -33.56 -12.09
N SER A 87 22.43 -34.80 -12.10
CA SER A 87 21.01 -35.10 -12.00
C SER A 87 20.51 -34.90 -10.58
N ALA A 88 19.22 -34.66 -10.51
CA ALA A 88 18.50 -34.61 -9.27
C ALA A 88 18.50 -36.02 -8.68
N ALA A 89 18.33 -36.13 -7.37
CA ALA A 89 18.08 -37.43 -6.76
C ALA A 89 16.75 -37.99 -7.28
N ALA A 90 16.60 -39.29 -7.15
CA ALA A 90 15.39 -39.97 -7.65
C ALA A 90 14.14 -39.43 -6.94
N MET A 91 13.00 -39.58 -7.60
CA MET A 91 11.73 -38.99 -7.12
C MET A 91 11.27 -39.46 -5.73
N ARG A 92 11.69 -40.64 -5.31
CA ARG A 92 11.34 -41.13 -3.98
C ARG A 92 12.03 -40.37 -2.84
N TYR A 93 13.09 -39.61 -3.16
CA TYR A 93 13.89 -38.92 -2.16
C TYR A 93 13.61 -37.41 -2.07
N THR A 94 13.26 -36.77 -3.17
CA THR A 94 13.09 -35.34 -3.18
C THR A 94 11.71 -34.99 -2.68
N GLU A 95 11.59 -33.78 -2.16
CA GLU A 95 10.37 -33.30 -1.55
C GLU A 95 9.94 -32.00 -2.22
N ILE A 96 8.65 -31.85 -2.46
CA ILE A 96 8.16 -30.68 -3.16
C ILE A 96 6.84 -30.16 -2.57
N ARG A 97 6.58 -28.91 -2.85
CA ARG A 97 5.26 -28.30 -2.69
C ARG A 97 5.20 -27.12 -3.67
N LEU A 98 4.01 -26.54 -3.81
CA LEU A 98 3.87 -25.39 -4.70
C LEU A 98 4.65 -24.19 -4.15
N ALA A 99 5.32 -23.48 -5.03
CA ALA A 99 5.88 -22.19 -4.64
C ALA A 99 4.75 -21.24 -4.38
N LYS A 100 4.98 -20.25 -3.54
CA LYS A 100 3.91 -19.27 -3.25
C LYS A 100 3.40 -18.63 -4.55
N ILE A 101 4.28 -18.31 -5.47
CA ILE A 101 3.86 -17.67 -6.74
C ILE A 101 3.03 -18.58 -7.65
N ALA A 102 3.22 -19.91 -7.54
CA ALA A 102 2.39 -20.88 -8.25
C ALA A 102 0.92 -20.84 -7.85
N HIS A 103 0.65 -20.47 -6.60
CA HIS A 103 -0.72 -20.22 -6.18
C HIS A 103 -1.33 -19.02 -6.91
N GLU A 104 -0.52 -18.05 -7.32
CA GLU A 104 -1.01 -16.95 -8.10
C GLU A 104 -1.25 -17.35 -9.55
N LEU A 105 -0.44 -18.26 -10.06
CA LEU A 105 -0.68 -18.85 -11.36
C LEU A 105 -2.03 -19.60 -11.42
N MET A 106 -2.42 -20.19 -10.31
CA MET A 106 -3.67 -20.98 -10.29
C MET A 106 -4.76 -20.34 -9.49
N ALA A 107 -4.63 -19.04 -9.21
CA ALA A 107 -5.62 -18.39 -8.35
C ALA A 107 -7.05 -18.48 -8.99
N ASP A 108 -8.03 -18.88 -8.20
CA ASP A 108 -9.46 -18.89 -8.61
C ASP A 108 -9.80 -19.99 -9.65
N LEU A 109 -8.97 -21.00 -9.70
CA LEU A 109 -9.19 -22.14 -10.57
C LEU A 109 -10.51 -22.87 -10.22
N GLU A 110 -10.86 -22.88 -8.93
CA GLU A 110 -12.09 -23.51 -8.49
C GLU A 110 -13.35 -22.65 -8.75
N LYS A 111 -13.23 -21.48 -9.40
CA LYS A 111 -14.36 -20.55 -9.55
C LYS A 111 -14.85 -20.37 -10.98
N GLU A 112 -14.80 -21.44 -11.75
CA GLU A 112 -15.31 -21.44 -13.13
C GLU A 112 -14.75 -20.30 -14.00
N THR A 113 -13.44 -20.13 -13.90
CA THR A 113 -12.76 -19.03 -14.54
C THR A 113 -12.12 -19.43 -15.89
N VAL A 114 -11.93 -20.72 -16.09
CA VAL A 114 -11.28 -21.25 -17.31
C VAL A 114 -12.05 -22.48 -17.76
N ASP A 115 -11.99 -22.78 -19.04
CA ASP A 115 -12.63 -23.99 -19.55
C ASP A 115 -11.77 -25.21 -19.19
N PHE A 116 -12.44 -26.31 -18.93
CA PHE A 116 -11.81 -27.57 -18.56
C PHE A 116 -12.02 -28.51 -19.73
N VAL A 117 -11.08 -29.43 -19.92
CA VAL A 117 -11.17 -30.46 -20.97
C VAL A 117 -11.07 -31.84 -20.33
N ASP A 118 -11.52 -32.86 -21.04
CA ASP A 118 -11.43 -34.25 -20.55
C ASP A 118 -10.00 -34.69 -20.47
N ASN A 119 -9.68 -35.52 -19.47
CA ASN A 119 -8.38 -36.14 -19.44
C ASN A 119 -8.44 -37.30 -20.41
N TYR A 120 -7.37 -38.09 -20.45
CA TYR A 120 -7.24 -39.14 -21.48
C TYR A 120 -8.29 -40.24 -21.42
N ASP A 121 -8.79 -40.58 -20.23
CA ASP A 121 -9.77 -41.67 -20.09
C ASP A 121 -11.17 -41.16 -19.85
N GLY A 122 -11.38 -39.84 -19.92
CA GLY A 122 -12.70 -39.25 -19.74
C GLY A 122 -13.23 -39.41 -18.33
N THR A 123 -12.37 -39.65 -17.35
CA THR A 123 -12.84 -39.75 -15.96
C THR A 123 -12.56 -38.49 -15.15
N GLU A 124 -11.72 -37.58 -15.66
CA GLU A 124 -11.29 -36.38 -14.94
C GLU A 124 -11.36 -35.18 -15.90
N LYS A 125 -11.45 -33.98 -15.33
CA LYS A 125 -11.34 -32.72 -16.05
C LYS A 125 -9.97 -32.10 -15.80
N ILE A 126 -9.45 -31.37 -16.76
CA ILE A 126 -8.15 -30.70 -16.62
C ILE A 126 -8.39 -29.29 -17.14
N PRO A 127 -7.84 -28.28 -16.48
CA PRO A 127 -7.96 -26.97 -17.09
C PRO A 127 -7.19 -26.86 -18.43
N ASP A 128 -7.80 -26.20 -19.39
CA ASP A 128 -7.24 -25.92 -20.70
C ASP A 128 -6.12 -24.87 -20.59
N VAL A 129 -6.23 -23.99 -19.59
CA VAL A 129 -5.30 -22.91 -19.28
C VAL A 129 -5.46 -22.56 -17.82
N MET A 130 -4.40 -22.04 -17.18
CA MET A 130 -4.51 -21.56 -15.80
C MET A 130 -5.00 -20.09 -15.74
N PRO A 131 -5.82 -19.74 -14.73
CA PRO A 131 -6.35 -18.40 -14.51
C PRO A 131 -5.30 -17.51 -13.84
N THR A 132 -4.14 -17.42 -14.48
CA THR A 132 -2.96 -16.85 -13.88
C THR A 132 -3.02 -15.33 -13.68
N LYS A 133 -2.60 -14.91 -12.48
CA LYS A 133 -2.42 -13.51 -12.15
C LYS A 133 -1.02 -13.05 -12.54
N ILE A 134 -0.19 -14.01 -12.88
CA ILE A 134 1.21 -13.79 -13.23
C ILE A 134 1.35 -13.88 -14.75
N PRO A 135 2.03 -12.91 -15.39
CA PRO A 135 2.33 -13.03 -16.84
C PRO A 135 3.50 -14.00 -17.07
N ASN A 136 3.23 -15.27 -16.82
CA ASN A 136 4.24 -16.30 -16.73
C ASN A 136 5.02 -16.58 -18.01
N LEU A 137 4.38 -16.45 -19.17
CA LEU A 137 5.08 -16.67 -20.41
C LEU A 137 6.29 -15.76 -20.48
N LEU A 138 6.11 -14.46 -20.20
CA LEU A 138 7.23 -13.53 -20.21
C LEU A 138 8.19 -13.71 -19.03
N VAL A 139 7.67 -13.88 -17.81
CA VAL A 139 8.60 -13.83 -16.70
C VAL A 139 9.47 -15.10 -16.62
N ASN A 140 8.92 -16.27 -16.92
CA ASN A 140 9.71 -17.51 -16.93
C ASN A 140 10.23 -17.99 -18.31
N GLY A 141 9.63 -17.49 -19.39
CA GLY A 141 10.08 -17.78 -20.73
C GLY A 141 9.63 -19.15 -21.15
N SER A 142 10.13 -19.62 -22.28
CA SER A 142 9.83 -20.96 -22.79
C SER A 142 10.81 -21.34 -23.91
N SER A 143 11.04 -22.62 -24.10
CA SER A 143 11.70 -23.05 -25.33
C SER A 143 11.23 -24.43 -25.76
N GLY A 144 11.46 -24.75 -27.03
CA GLY A 144 11.09 -26.05 -27.57
C GLY A 144 11.43 -26.14 -29.03
N ILE A 145 11.74 -27.34 -29.49
CA ILE A 145 12.22 -27.55 -30.85
C ILE A 145 11.34 -28.57 -31.61
N ALA A 150 8.99 -24.40 -33.36
CA ALA A 150 9.98 -23.96 -32.36
C ALA A 150 9.63 -22.65 -31.70
N THR A 151 10.06 -22.48 -30.46
CA THR A 151 9.84 -21.23 -29.74
C THR A 151 11.04 -21.05 -28.86
N ASN A 152 11.38 -19.80 -28.59
CA ASN A 152 12.48 -19.49 -27.70
C ASN A 152 12.27 -18.09 -27.07
N ILE A 153 11.70 -18.08 -25.87
CA ILE A 153 11.32 -16.84 -25.18
C ILE A 153 12.10 -16.77 -23.88
N PRO A 154 12.88 -15.70 -23.68
CA PRO A 154 13.68 -15.61 -22.46
C PRO A 154 12.86 -15.08 -21.30
N PRO A 155 13.35 -15.30 -20.09
CA PRO A 155 12.69 -14.83 -18.88
C PRO A 155 12.84 -13.35 -18.71
N HIS A 156 11.99 -12.79 -17.85
CA HIS A 156 11.91 -11.33 -17.62
C HIS A 156 11.66 -11.02 -16.14
N ASN A 157 11.92 -9.77 -15.76
CA ASN A 157 11.69 -9.35 -14.39
C ASN A 157 10.18 -9.07 -14.19
N LEU A 158 9.64 -9.59 -13.11
CA LEU A 158 8.22 -9.53 -12.84
C LEU A 158 7.74 -8.10 -12.57
N THR A 159 8.54 -7.33 -11.86
CA THR A 159 8.20 -5.92 -11.60
C THR A 159 8.07 -5.17 -12.90
N GLU A 160 9.05 -5.36 -13.77
CA GLU A 160 9.08 -4.69 -15.07
C GLU A 160 7.90 -5.10 -15.92
N VAL A 161 7.63 -6.41 -15.98
CA VAL A 161 6.60 -6.89 -16.86
C VAL A 161 5.21 -6.39 -16.35
N ILE A 162 4.97 -6.45 -15.05
CA ILE A 162 3.72 -5.92 -14.48
C ILE A 162 3.55 -4.42 -14.80
N ASN A 163 4.62 -3.64 -14.65
CA ASN A 163 4.57 -2.21 -15.03
C ASN A 163 4.21 -2.02 -16.50
N GLY A 164 4.74 -2.86 -17.35
CA GLY A 164 4.36 -2.86 -18.75
C GLY A 164 2.90 -3.22 -18.98
N CYS A 165 2.39 -4.25 -18.29
CA CYS A 165 0.96 -4.57 -18.38
C CYS A 165 0.06 -3.39 -17.98
N LEU A 166 0.40 -2.76 -16.85
CA LEU A 166 -0.38 -1.63 -16.34
C LEU A 166 -0.32 -0.43 -17.30
N ALA A 167 0.87 -0.22 -17.92
CA ALA A 167 1.01 0.87 -18.93
C ALA A 167 0.12 0.57 -20.13
N TYR A 168 0.02 -0.69 -20.52
CA TYR A 168 -0.86 -1.06 -21.64
C TYR A 168 -2.34 -0.84 -21.26
N ILE A 169 -2.71 -1.26 -20.05
CA ILE A 169 -4.07 -1.07 -19.60
C ILE A 169 -4.42 0.43 -19.65
N ASP A 170 -3.49 1.30 -19.28
CA ASP A 170 -3.73 2.77 -19.34
C ASP A 170 -3.83 3.32 -20.74
N ASP A 171 -3.09 2.73 -21.67
CA ASP A 171 -3.07 3.21 -23.04
C ASP A 171 -2.86 2.05 -23.96
N GLU A 172 -3.94 1.55 -24.54
CA GLU A 172 -3.84 0.37 -25.39
C GLU A 172 -3.13 0.67 -26.70
N ASP A 173 -2.94 1.95 -27.02
CA ASP A 173 -2.17 2.35 -28.19
C ASP A 173 -0.69 2.53 -27.90
N ILE A 174 -0.26 2.18 -26.70
CA ILE A 174 1.16 2.29 -26.37
C ILE A 174 2.05 1.62 -27.43
N SER A 175 3.15 2.26 -27.72
CA SER A 175 4.10 1.77 -28.72
C SER A 175 5.05 0.76 -28.09
N ILE A 176 5.82 0.09 -28.94
CA ILE A 176 6.80 -0.85 -28.45
C ILE A 176 7.86 -0.08 -27.67
N GLU A 177 8.20 1.10 -28.17
CA GLU A 177 9.15 1.98 -27.48
C GLU A 177 8.61 2.38 -26.11
N GLY A 178 7.32 2.69 -26.03
CA GLY A 178 6.66 2.98 -24.75
C GLY A 178 6.73 1.82 -23.79
N LEU A 179 6.49 0.61 -24.28
CA LEU A 179 6.57 -0.57 -23.43
C LEU A 179 7.98 -0.79 -22.93
N MET A 180 8.96 -0.47 -23.77
CA MET A 180 10.37 -0.71 -23.41
C MET A 180 10.94 0.23 -22.35
N GLU A 181 10.25 1.34 -22.09
CA GLU A 181 10.53 2.18 -20.92
C GLU A 181 10.29 1.40 -19.61
N HIS A 182 9.38 0.44 -19.63
CA HIS A 182 9.14 -0.39 -18.46
C HIS A 182 9.86 -1.73 -18.54
N ILE A 183 9.95 -2.28 -19.74
CA ILE A 183 10.61 -3.57 -19.98
C ILE A 183 11.81 -3.42 -20.95
N PRO A 184 12.99 -3.13 -20.40
CA PRO A 184 14.15 -2.84 -21.30
C PRO A 184 14.76 -4.12 -21.89
N GLY A 185 14.44 -5.27 -21.34
CA GLY A 185 14.94 -6.50 -21.92
C GLY A 185 14.73 -7.66 -21.00
N PRO A 186 15.20 -8.85 -21.40
CA PRO A 186 15.14 -10.03 -20.56
C PRO A 186 15.89 -9.87 -19.24
N ASP A 187 15.61 -10.77 -18.30
CA ASP A 187 16.27 -10.84 -17.00
C ASP A 187 16.41 -12.30 -16.64
N PHE A 188 17.64 -12.81 -16.70
CA PHE A 188 17.90 -14.23 -16.50
C PHE A 188 18.09 -14.57 -15.03
N PRO A 189 17.72 -15.80 -14.63
CA PRO A 189 17.91 -16.17 -13.23
C PRO A 189 19.34 -16.22 -12.83
N THR A 190 20.19 -16.46 -13.83
CA THR A 190 21.65 -16.58 -13.70
C THR A 190 22.38 -15.24 -13.87
N ALA A 191 21.64 -14.14 -13.95
CA ALA A 191 22.23 -12.80 -14.01
C ALA A 191 23.08 -12.60 -15.27
N ALA A 192 24.34 -12.23 -15.11
CA ALA A 192 25.25 -11.94 -16.25
C ALA A 192 24.85 -10.68 -17.02
N ILE A 193 25.26 -10.61 -18.30
CA ILE A 193 25.20 -9.38 -19.13
C ILE A 193 24.60 -9.65 -20.51
N ILE A 194 23.70 -8.77 -20.95
CA ILE A 194 23.17 -8.83 -22.33
C ILE A 194 23.85 -7.74 -23.13
N ASN A 195 24.26 -8.12 -24.35
CA ASN A 195 25.01 -7.25 -25.27
C ASN A 195 24.43 -7.35 -26.69
N GLY A 196 23.54 -6.41 -27.03
CA GLY A 196 22.74 -6.39 -28.28
C GLY A 196 21.36 -5.75 -28.10
N ARG A 197 21.32 -4.44 -27.84
CA ARG A 197 20.05 -3.77 -27.60
C ARG A 197 19.14 -3.79 -28.83
N ARG A 198 19.69 -3.66 -30.04
CA ARG A 198 18.88 -3.75 -31.26
C ARG A 198 18.15 -5.09 -31.37
N GLY A 199 18.81 -6.16 -30.94
CA GLY A 199 18.25 -7.48 -30.97
C GLY A 199 17.03 -7.60 -30.07
N ILE A 200 17.09 -6.96 -28.91
CA ILE A 200 15.97 -6.90 -27.98
C ILE A 200 14.81 -6.14 -28.62
N GLU A 201 15.07 -4.95 -29.16
CA GLU A 201 14.04 -4.16 -29.83
C GLU A 201 13.42 -4.91 -31.01
N GLU A 202 14.23 -5.55 -31.83
CA GLU A 202 13.67 -6.25 -32.97
C GLU A 202 12.80 -7.43 -32.51
N ALA A 203 13.20 -8.10 -31.42
CA ALA A 203 12.38 -9.19 -30.86
C ALA A 203 11.05 -8.67 -30.35
N TYR A 204 11.08 -7.57 -29.60
CA TYR A 204 9.89 -6.97 -29.04
C TYR A 204 8.95 -6.40 -30.08
N ARG A 205 9.53 -5.90 -31.19
CA ARG A 205 8.74 -5.33 -32.28
C ARG A 205 8.16 -6.43 -33.18
N THR A 206 8.94 -7.45 -33.49
CA THR A 206 8.56 -8.43 -34.54
C THR A 206 8.33 -9.85 -34.02
N GLY A 207 8.79 -10.15 -32.81
CA GLY A 207 8.77 -11.50 -32.30
C GLY A 207 10.11 -12.21 -32.41
N ARG A 208 10.98 -11.72 -33.29
CA ARG A 208 12.24 -12.36 -33.59
C ARG A 208 13.41 -11.37 -33.53
N GLY A 209 14.44 -11.75 -32.79
CA GLY A 209 15.66 -10.98 -32.72
C GLY A 209 16.70 -11.80 -32.01
N LYS A 210 17.94 -11.70 -32.45
CA LYS A 210 19.02 -12.45 -31.87
C LYS A 210 19.84 -11.52 -30.98
N VAL A 211 20.11 -12.00 -29.78
CA VAL A 211 20.86 -11.26 -28.79
C VAL A 211 22.05 -12.13 -28.31
N TYR A 212 23.03 -11.50 -27.66
CA TYR A 212 24.17 -12.21 -27.10
C TYR A 212 24.27 -11.99 -25.56
N ILE A 213 24.63 -13.08 -24.87
CA ILE A 213 24.68 -13.10 -23.40
C ILE A 213 26.14 -13.36 -23.03
N ARG A 214 26.70 -12.48 -22.19
CA ARG A 214 28.09 -12.55 -21.78
C ARG A 214 28.27 -12.77 -20.28
N ALA A 215 29.23 -13.62 -19.93
CA ALA A 215 29.60 -13.87 -18.55
C ALA A 215 30.08 -12.59 -17.90
N ARG A 216 29.88 -12.47 -16.58
CA ARG A 216 30.52 -11.41 -15.82
C ARG A 216 31.86 -11.94 -15.30
N ILE A 230 41.91 -14.29 -14.48
CA ILE A 230 40.51 -14.09 -14.75
C ILE A 230 39.60 -14.79 -13.72
N ILE A 231 38.59 -14.07 -13.24
CA ILE A 231 37.62 -14.60 -12.30
C ILE A 231 36.22 -14.47 -12.88
N VAL A 232 35.53 -15.60 -13.05
CA VAL A 232 34.18 -15.63 -13.58
C VAL A 232 33.18 -15.75 -12.43
N HIS A 233 32.27 -14.77 -12.35
CA HIS A 233 31.24 -14.67 -11.28
C HIS A 233 29.85 -15.09 -11.72
N GLU A 234 29.52 -14.86 -12.98
CA GLU A 234 28.20 -15.20 -13.52
C GLU A 234 28.42 -15.66 -14.94
N ILE A 235 27.64 -16.64 -15.37
CA ILE A 235 27.71 -17.15 -16.73
C ILE A 235 26.35 -17.06 -17.41
N PRO A 236 26.32 -17.26 -18.75
CA PRO A 236 25.07 -17.11 -19.46
C PRO A 236 24.03 -18.16 -19.08
N TYR A 237 22.79 -17.79 -19.26
CA TYR A 237 21.63 -18.67 -19.05
C TYR A 237 21.77 -19.93 -19.88
N GLN A 238 21.38 -21.08 -19.29
CA GLN A 238 21.43 -22.40 -19.91
C GLN A 238 22.83 -22.94 -20.21
N VAL A 239 23.87 -22.28 -19.76
CA VAL A 239 25.22 -22.84 -19.89
C VAL A 239 25.55 -23.72 -18.68
N ASN A 240 26.05 -24.89 -18.99
CA ASN A 240 26.52 -25.83 -18.01
C ASN A 240 27.95 -25.45 -17.61
N LYS A 241 28.13 -25.13 -16.33
CA LYS A 241 29.42 -24.69 -15.83
C LYS A 241 30.55 -25.69 -16.01
N ALA A 242 30.30 -26.96 -15.67
CA ALA A 242 31.31 -27.99 -15.84
C ALA A 242 31.70 -28.19 -17.31
N ARG A 243 30.72 -28.14 -18.21
CA ARG A 243 31.02 -28.29 -19.64
C ARG A 243 31.82 -27.10 -20.15
N LEU A 244 31.48 -25.91 -19.66
CA LEU A 244 32.26 -24.70 -19.98
C LEU A 244 33.73 -24.89 -19.60
N ILE A 245 33.97 -25.40 -18.40
CA ILE A 245 35.32 -25.62 -17.91
C ILE A 245 36.09 -26.67 -18.76
N GLU A 246 35.42 -27.77 -19.11
CA GLU A 246 36.02 -28.78 -20.00
C GLU A 246 36.30 -28.18 -21.38
N LYS A 247 35.42 -27.34 -21.88
CA LYS A 247 35.61 -26.71 -23.20
C LYS A 247 36.89 -25.87 -23.22
N ILE A 248 37.14 -25.13 -22.14
CA ILE A 248 38.36 -24.33 -22.03
C ILE A 248 39.62 -25.22 -22.00
N ALA A 249 39.58 -26.30 -21.22
CA ALA A 249 40.71 -27.25 -21.23
C ALA A 249 40.95 -27.88 -22.62
N GLU A 250 39.89 -28.23 -23.36
CA GLU A 250 40.01 -28.81 -24.71
C GLU A 250 40.63 -27.86 -25.74
N LEU A 251 40.14 -26.61 -25.79
CA LEU A 251 40.73 -25.59 -26.68
C LEU A 251 42.23 -25.37 -26.38
N VAL A 252 42.59 -25.45 -25.10
CA VAL A 252 44.00 -25.45 -24.72
C VAL A 252 44.72 -26.73 -25.24
N LYS A 253 44.44 -27.10 -26.49
CA LYS A 253 45.40 -27.81 -27.33
C LYS A 253 46.52 -26.83 -27.69
N LEU A 263 43.31 -23.62 -14.61
CA LEU A 263 41.96 -23.28 -14.20
C LEU A 263 41.44 -24.13 -13.04
N ARG A 264 40.71 -23.49 -12.13
CA ARG A 264 40.04 -24.18 -11.05
C ARG A 264 38.60 -23.65 -10.88
N ASP A 265 37.71 -24.52 -10.42
CA ASP A 265 36.39 -24.08 -10.01
C ASP A 265 36.36 -23.91 -8.50
N GLU A 266 36.23 -22.67 -8.05
CA GLU A 266 36.16 -22.36 -6.62
C GLU A 266 34.75 -21.94 -6.20
N SER A 267 33.74 -22.34 -7.00
CA SER A 267 32.36 -22.03 -6.68
C SER A 267 31.96 -22.77 -5.41
N ASP A 268 30.98 -22.21 -4.72
CA ASP A 268 30.43 -22.88 -3.54
C ASP A 268 29.01 -22.39 -3.31
N LYS A 269 28.41 -22.86 -2.21
CA LYS A 269 27.05 -22.46 -1.83
C LYS A 269 26.87 -20.93 -1.79
N ASP A 270 27.92 -20.19 -1.41
CA ASP A 270 27.87 -18.71 -1.38
C ASP A 270 28.19 -18.01 -2.72
N GLY A 271 28.09 -18.71 -3.86
CA GLY A 271 28.32 -18.09 -5.18
C GLY A 271 29.30 -18.77 -6.13
N MET A 272 29.23 -18.37 -7.40
CA MET A 272 30.08 -18.91 -8.46
C MET A 272 31.44 -18.22 -8.53
N ARG A 273 32.49 -19.00 -8.72
CA ARG A 273 33.85 -18.45 -8.85
C ARG A 273 34.74 -19.39 -9.65
N ILE A 274 34.92 -19.09 -10.94
CA ILE A 274 35.83 -19.83 -11.80
C ILE A 274 37.12 -19.01 -11.93
N VAL A 275 38.24 -19.66 -11.69
CA VAL A 275 39.56 -19.01 -11.67
C VAL A 275 40.39 -19.50 -12.84
N ILE A 276 40.90 -18.56 -13.63
CA ILE A 276 41.70 -18.88 -14.82
C ILE A 276 43.04 -18.15 -14.78
N VAL A 286 43.44 -9.75 -22.78
CA VAL A 286 44.23 -10.72 -23.54
C VAL A 286 43.44 -12.02 -23.81
N VAL A 287 43.65 -13.06 -23.02
CA VAL A 287 42.99 -14.34 -23.24
C VAL A 287 41.48 -14.17 -23.10
N LEU A 288 41.04 -13.24 -22.25
CA LEU A 288 39.62 -13.11 -21.96
C LEU A 288 38.78 -12.87 -23.20
N ASN A 289 39.21 -11.93 -24.03
CA ASN A 289 38.51 -11.65 -25.28
C ASN A 289 38.49 -12.87 -26.18
N ASN A 290 39.59 -13.61 -26.15
CA ASN A 290 39.66 -14.85 -26.90
C ASN A 290 38.70 -15.90 -26.35
N LEU A 291 38.64 -16.02 -25.03
CA LEU A 291 37.65 -16.90 -24.36
C LEU A 291 36.22 -16.50 -24.71
N TYR A 292 35.93 -15.20 -24.70
CA TYR A 292 34.60 -14.75 -25.11
C TYR A 292 34.31 -15.15 -26.57
N SER A 293 35.34 -15.15 -27.42
CA SER A 293 35.20 -15.41 -28.86
C SER A 293 34.93 -16.89 -29.25
N GLN A 294 35.46 -17.83 -28.46
CA GLN A 294 35.41 -19.27 -28.84
C GLN A 294 34.74 -20.19 -27.81
N THR A 295 34.07 -19.60 -26.82
CA THR A 295 33.59 -20.33 -25.65
C THR A 295 32.20 -19.85 -25.24
N GLN A 296 31.48 -20.67 -24.47
CA GLN A 296 30.16 -20.26 -23.95
C GLN A 296 30.19 -19.19 -22.85
N LEU A 297 31.35 -18.55 -22.63
CA LEU A 297 31.39 -17.35 -21.79
C LEU A 297 30.62 -16.26 -22.49
N GLN A 298 30.41 -16.43 -23.80
CA GLN A 298 29.41 -15.70 -24.56
C GLN A 298 28.62 -16.68 -25.43
N VAL A 299 27.28 -16.55 -25.40
CA VAL A 299 26.40 -17.30 -26.30
C VAL A 299 25.38 -16.41 -26.99
N SER A 300 24.91 -16.85 -28.15
CA SER A 300 23.77 -16.22 -28.80
C SER A 300 22.46 -16.79 -28.22
N PHE A 301 21.43 -15.95 -28.16
CA PHE A 301 20.09 -16.36 -27.80
C PHE A 301 19.22 -15.82 -28.94
N GLY A 302 18.72 -16.72 -29.78
CA GLY A 302 17.78 -16.38 -30.84
C GLY A 302 16.36 -16.34 -30.30
N ILE A 303 15.87 -15.14 -30.06
CA ILE A 303 14.52 -14.94 -29.52
C ILE A 303 13.52 -15.19 -30.63
N ASN A 304 12.56 -16.06 -30.35
CA ASN A 304 11.56 -16.45 -31.31
C ASN A 304 10.27 -16.68 -30.55
N MET A 305 9.44 -15.64 -30.47
CA MET A 305 8.29 -15.65 -29.58
C MET A 305 7.05 -16.24 -30.25
N VAL A 306 7.01 -17.56 -30.19
CA VAL A 306 5.92 -18.35 -30.78
C VAL A 306 5.14 -18.98 -29.63
N ALA A 307 3.83 -18.78 -29.63
CA ALA A 307 2.97 -19.31 -28.58
C ALA A 307 1.64 -19.70 -29.18
N LEU A 308 0.86 -20.44 -28.42
CA LEU A 308 -0.46 -20.83 -28.85
C LEU A 308 -1.38 -19.67 -28.56
N HIS A 309 -2.14 -19.27 -29.55
CA HIS A 309 -3.04 -18.13 -29.41
C HIS A 309 -4.33 -18.50 -30.13
N HIS A 310 -5.43 -18.58 -29.39
CA HIS A 310 -6.68 -19.07 -29.94
C HIS A 310 -6.46 -20.38 -30.67
N GLY A 311 -5.74 -21.30 -30.05
CA GLY A 311 -5.56 -22.64 -30.60
C GLY A 311 -4.66 -22.77 -31.82
N GLN A 312 -3.99 -21.69 -32.20
CA GLN A 312 -3.10 -21.73 -33.35
C GLN A 312 -1.72 -21.21 -32.93
N PRO A 313 -0.65 -21.80 -33.49
CA PRO A 313 0.67 -21.22 -33.25
C PRO A 313 0.83 -19.89 -33.94
N LYS A 314 1.37 -18.93 -33.24
CA LYS A 314 1.45 -17.58 -33.78
C LYS A 314 2.75 -16.99 -33.30
N ILE A 315 3.43 -16.31 -34.20
CA ILE A 315 4.53 -15.42 -33.86
C ILE A 315 3.92 -14.15 -33.23
N MET A 316 4.45 -13.74 -32.08
CA MET A 316 3.85 -12.64 -31.35
CA MET A 316 3.84 -12.64 -31.34
C MET A 316 4.90 -11.66 -30.82
N ASN A 317 4.62 -10.37 -30.97
CA ASN A 317 5.52 -9.37 -30.46
C ASN A 317 5.16 -9.04 -28.99
N LEU A 318 5.93 -8.12 -28.38
CA LEU A 318 5.82 -7.86 -26.97
C LEU A 318 4.41 -7.41 -26.61
N LYS A 319 3.91 -6.47 -27.41
CA LYS A 319 2.57 -5.95 -27.23
C LYS A 319 1.49 -7.01 -27.40
N ASP A 320 1.60 -7.86 -28.42
CA ASP A 320 0.64 -8.98 -28.58
C ASP A 320 0.58 -9.87 -27.30
N ILE A 321 1.73 -10.15 -26.71
CA ILE A 321 1.82 -11.02 -25.57
C ILE A 321 1.18 -10.38 -24.32
N ILE A 322 1.49 -9.12 -24.06
CA ILE A 322 0.88 -8.35 -22.98
C ILE A 322 -0.65 -8.22 -23.18
N ALA A 323 -1.09 -7.89 -24.39
CA ALA A 323 -2.53 -7.72 -24.68
C ALA A 323 -3.27 -9.03 -24.44
N ALA A 324 -2.65 -10.15 -24.80
CA ALA A 324 -3.24 -11.45 -24.58
C ALA A 324 -3.36 -11.78 -23.10
N PHE A 325 -2.34 -11.45 -22.33
CA PHE A 325 -2.43 -11.63 -20.90
C PHE A 325 -3.51 -10.76 -20.26
N VAL A 326 -3.57 -9.49 -20.64
CA VAL A 326 -4.57 -8.62 -20.09
C VAL A 326 -6.00 -9.06 -20.47
N ARG A 327 -6.18 -9.52 -21.69
CA ARG A 327 -7.51 -9.93 -22.13
C ARG A 327 -7.92 -11.16 -21.31
N HIS A 328 -6.94 -12.03 -21.01
CA HIS A 328 -7.15 -13.19 -20.16
C HIS A 328 -7.58 -12.77 -18.75
N ARG A 329 -6.94 -11.78 -18.17
CA ARG A 329 -7.38 -11.25 -16.86
C ARG A 329 -8.81 -10.71 -16.89
N ARG A 330 -9.18 -10.01 -17.96
CA ARG A 330 -10.56 -9.56 -18.15
C ARG A 330 -11.54 -10.75 -18.12
N GLU A 331 -11.23 -11.80 -18.87
CA GLU A 331 -12.11 -12.97 -18.93
C GLU A 331 -12.19 -13.63 -17.54
N VAL A 332 -11.04 -13.83 -16.92
CA VAL A 332 -10.99 -14.50 -15.64
C VAL A 332 -11.76 -13.77 -14.54
N VAL A 333 -11.52 -12.47 -14.44
CA VAL A 333 -12.15 -11.70 -13.38
C VAL A 333 -13.66 -11.57 -13.61
N THR A 334 -14.08 -11.38 -14.85
CA THR A 334 -15.51 -11.40 -15.15
C THR A 334 -16.18 -12.72 -14.76
N ARG A 335 -15.59 -13.84 -15.21
CA ARG A 335 -16.14 -15.16 -14.95
C ARG A 335 -16.11 -15.44 -13.44
N ARG A 336 -15.04 -15.05 -12.76
CA ARG A 336 -14.94 -15.20 -11.31
C ARG A 336 -16.05 -14.47 -10.58
N THR A 337 -16.33 -13.25 -11.01
CA THR A 337 -17.33 -12.40 -10.34
C THR A 337 -18.72 -12.98 -10.53
N ILE A 338 -19.01 -13.48 -11.73
CA ILE A 338 -20.26 -14.17 -12.03
C ILE A 338 -20.41 -15.42 -11.16
N PHE A 339 -19.35 -16.21 -11.05
CA PHE A 339 -19.35 -17.39 -10.24
C PHE A 339 -19.65 -17.04 -8.78
N GLU A 340 -18.94 -16.05 -8.25
CA GLU A 340 -19.08 -15.73 -6.81
C GLU A 340 -20.52 -15.26 -6.52
N LEU A 341 -21.06 -14.47 -7.44
CA LEU A 341 -22.41 -14.01 -7.33
C LEU A 341 -23.38 -15.18 -7.29
N ARG A 342 -23.23 -16.09 -8.25
CA ARG A 342 -24.06 -17.31 -8.26
C ARG A 342 -23.93 -18.17 -7.00
N LYS A 343 -22.71 -18.43 -6.58
CA LYS A 343 -22.43 -19.24 -5.40
C LYS A 343 -23.06 -18.61 -4.16
N ALA A 344 -22.91 -17.31 -4.05
CA ALA A 344 -23.42 -16.58 -2.90
C ALA A 344 -24.93 -16.60 -2.87
N ARG A 345 -25.58 -16.40 -4.01
CA ARG A 345 -27.04 -16.48 -4.07
C ARG A 345 -27.58 -17.87 -3.75
N ASP A 346 -26.90 -18.90 -4.25
CA ASP A 346 -27.26 -20.27 -4.00
C ASP A 346 -27.17 -20.56 -2.48
N ARG A 347 -26.07 -20.15 -1.88
CA ARG A 347 -25.87 -20.40 -0.47
C ARG A 347 -26.91 -19.62 0.36
N ALA A 348 -27.14 -18.37 0.01
CA ALA A 348 -28.09 -17.55 0.73
C ALA A 348 -29.51 -18.13 0.69
N HIS A 349 -29.86 -18.69 -0.46
CA HIS A 349 -31.13 -19.31 -0.69
C HIS A 349 -31.28 -20.53 0.24
N ILE A 350 -30.23 -21.35 0.37
CA ILE A 350 -30.30 -22.53 1.26
C ILE A 350 -30.41 -22.04 2.69
N LEU A 351 -29.67 -20.99 3.03
CA LEU A 351 -29.70 -20.45 4.40
C LEU A 351 -31.06 -19.83 4.79
N GLU A 352 -31.77 -19.26 3.82
CA GLU A 352 -33.11 -18.77 4.08
C GLU A 352 -34.03 -19.90 4.58
N ALA A 353 -33.91 -21.06 3.97
CA ALA A 353 -34.72 -22.21 4.34
C ALA A 353 -34.39 -22.65 5.74
N LEU A 354 -33.10 -22.72 6.04
CA LEU A 354 -32.64 -23.13 7.34
C LEU A 354 -33.12 -22.16 8.44
N ALA A 355 -33.05 -20.87 8.18
CA ALA A 355 -33.46 -19.85 9.16
C ALA A 355 -34.98 -19.94 9.43
N VAL A 356 -35.75 -20.15 8.38
CA VAL A 356 -37.18 -20.29 8.50
C VAL A 356 -37.53 -21.56 9.30
N ALA A 357 -36.86 -22.66 8.99
CA ALA A 357 -37.09 -23.91 9.73
C ALA A 357 -36.74 -23.73 11.18
N LEU A 358 -35.60 -23.10 11.47
CA LEU A 358 -35.18 -22.93 12.87
C LEU A 358 -36.06 -21.92 13.62
N ALA A 359 -36.73 -21.01 12.88
CA ALA A 359 -37.72 -20.12 13.50
C ALA A 359 -39.05 -20.85 13.73
N ASN A 360 -39.20 -22.05 13.14
CA ASN A 360 -40.46 -22.82 13.16
C ASN A 360 -40.17 -24.24 13.64
N ILE A 361 -39.26 -24.33 14.58
CA ILE A 361 -38.71 -25.62 14.91
C ILE A 361 -39.77 -26.61 15.42
N ASP A 362 -40.68 -26.18 16.30
CA ASP A 362 -41.73 -27.11 16.82
C ASP A 362 -42.61 -27.71 15.71
N PRO A 363 -43.24 -26.88 14.88
CA PRO A 363 -44.07 -27.47 13.80
C PRO A 363 -43.20 -28.27 12.78
N ILE A 364 -41.96 -27.86 12.56
CA ILE A 364 -41.06 -28.62 11.68
C ILE A 364 -40.89 -30.03 12.23
N ILE A 365 -40.54 -30.15 13.51
CA ILE A 365 -40.37 -31.44 14.15
C ILE A 365 -41.66 -32.27 14.15
N GLU A 366 -42.79 -31.65 14.51
CA GLU A 366 -44.09 -32.29 14.45
C GLU A 366 -44.36 -32.83 13.04
N LEU A 367 -44.06 -32.04 12.02
CA LEU A 367 -44.25 -32.49 10.62
C LEU A 367 -43.41 -33.72 10.28
N ILE A 368 -42.11 -33.68 10.60
CA ILE A 368 -41.19 -34.74 10.20
C ILE A 368 -41.46 -36.05 10.94
N ARG A 369 -41.71 -35.95 12.25
CA ARG A 369 -42.05 -37.09 13.09
C ARG A 369 -43.28 -37.87 12.61
N HIS A 370 -44.21 -37.16 11.98
CA HIS A 370 -45.45 -37.79 11.52
C HIS A 370 -45.39 -38.11 10.04
N ALA A 371 -44.24 -37.87 9.42
CA ALA A 371 -44.05 -38.29 8.04
C ALA A 371 -43.63 -39.76 7.98
N PRO A 372 -44.37 -40.58 7.21
CA PRO A 372 -43.98 -42.00 7.07
C PRO A 372 -42.57 -42.23 6.50
N THR A 373 -42.10 -41.35 5.63
CA THR A 373 -40.80 -41.50 4.98
C THR A 373 -40.21 -40.13 4.68
N PRO A 374 -38.92 -40.06 4.38
CA PRO A 374 -38.34 -38.76 4.03
C PRO A 374 -38.99 -38.06 2.81
N ALA A 375 -39.42 -38.85 1.82
CA ALA A 375 -40.15 -38.29 0.64
C ALA A 375 -41.44 -37.58 1.06
N GLU A 376 -42.21 -38.19 1.95
CA GLU A 376 -43.41 -37.54 2.44
C GLU A 376 -43.11 -36.30 3.30
N ALA A 377 -42.02 -36.31 4.06
CA ALA A 377 -41.65 -35.12 4.83
C ALA A 377 -41.32 -33.97 3.88
N LYS A 378 -40.63 -34.30 2.82
CA LYS A 378 -40.21 -33.27 1.88
C LYS A 378 -41.43 -32.67 1.19
N THR A 379 -42.39 -33.53 0.82
CA THR A 379 -43.59 -33.02 0.16
C THR A 379 -44.42 -32.18 1.16
N ALA A 380 -44.51 -32.60 2.42
CA ALA A 380 -45.21 -31.81 3.44
C ALA A 380 -44.54 -30.45 3.67
N LEU A 381 -43.22 -30.41 3.62
CA LEU A 381 -42.52 -29.15 3.82
C LEU A 381 -42.83 -28.11 2.78
N VAL A 382 -42.90 -28.55 1.52
CA VAL A 382 -43.11 -27.73 0.36
C VAL A 382 -44.61 -27.45 0.12
N ALA A 383 -45.48 -28.29 0.69
CA ALA A 383 -46.93 -28.21 0.46
C ALA A 383 -47.55 -26.85 0.85
N ASN A 384 -47.11 -26.34 1.99
CA ASN A 384 -47.70 -25.17 2.63
C ASN A 384 -46.59 -24.19 3.00
N PRO A 385 -46.79 -22.89 2.78
CA PRO A 385 -45.77 -21.90 3.06
C PRO A 385 -45.63 -21.72 4.57
N TRP A 386 -44.52 -21.13 4.98
CA TRP A 386 -44.13 -20.97 6.39
C TRP A 386 -44.11 -19.50 6.79
N GLN A 387 -44.63 -19.20 7.99
CA GLN A 387 -44.51 -17.87 8.58
C GLN A 387 -43.04 -17.59 8.93
N LEU A 388 -42.66 -16.32 8.87
CA LEU A 388 -41.25 -15.94 9.00
C LEU A 388 -40.78 -15.74 10.44
N GLY A 389 -41.69 -15.40 11.34
CA GLY A 389 -41.34 -15.25 12.77
C GLY A 389 -40.34 -14.15 12.98
N ASN A 390 -39.38 -14.39 13.87
CA ASN A 390 -38.41 -13.35 14.22
C ASN A 390 -37.31 -13.11 13.19
N VAL A 391 -37.32 -13.83 12.06
CA VAL A 391 -36.41 -13.51 10.95
C VAL A 391 -37.08 -12.76 9.79
N ALA A 392 -38.31 -12.31 10.00
CA ALA A 392 -39.04 -11.52 9.00
C ALA A 392 -38.21 -10.33 8.51
N ALA A 393 -37.77 -9.49 9.43
CA ALA A 393 -37.00 -8.30 9.03
C ALA A 393 -35.73 -8.65 8.26
N MET A 394 -35.05 -9.72 8.68
CA MET A 394 -33.80 -10.13 8.04
C MET A 394 -34.05 -10.62 6.61
N LEU A 395 -35.20 -11.26 6.35
CA LEU A 395 -35.48 -11.85 5.04
C LEU A 395 -36.09 -10.90 4.02
N GLU A 396 -36.75 -9.84 4.49
CA GLU A 396 -37.35 -8.83 3.59
C GLU A 396 -36.88 -7.42 3.97
N ASP A 401 -35.08 -8.29 -3.92
CA ASP A 401 -34.83 -9.31 -4.96
C ASP A 401 -33.37 -9.68 -5.22
N ALA A 402 -32.42 -8.87 -4.76
CA ALA A 402 -31.00 -9.01 -5.15
C ALA A 402 -30.35 -10.35 -4.85
N ALA A 403 -30.82 -11.03 -3.81
CA ALA A 403 -30.25 -12.30 -3.36
C ALA A 403 -30.89 -13.54 -3.99
N ARG A 404 -31.97 -13.37 -4.78
CA ARG A 404 -32.63 -14.53 -5.41
C ARG A 404 -31.70 -15.13 -6.48
N PRO A 405 -31.54 -16.45 -6.48
CA PRO A 405 -30.85 -17.07 -7.62
C PRO A 405 -31.62 -16.74 -8.88
N GLU A 406 -30.89 -16.57 -9.98
CA GLU A 406 -31.52 -16.24 -11.26
C GLU A 406 -32.42 -17.35 -11.82
N TRP A 407 -32.15 -18.59 -11.42
CA TRP A 407 -32.96 -19.72 -11.86
C TRP A 407 -34.27 -19.93 -11.08
N LEU A 408 -34.46 -19.20 -9.98
CA LEU A 408 -35.57 -19.47 -9.06
C LEU A 408 -36.89 -18.91 -9.58
N GLU A 409 -37.86 -19.80 -9.81
CA GLU A 409 -39.15 -19.39 -10.38
C GLU A 409 -39.90 -18.50 -9.39
N PRO A 410 -40.79 -17.63 -9.89
CA PRO A 410 -41.48 -16.69 -8.99
C PRO A 410 -42.45 -17.33 -7.95
N GLU A 411 -42.83 -18.58 -8.11
CA GLU A 411 -43.69 -19.22 -7.07
C GLU A 411 -42.96 -19.57 -5.76
N PHE A 412 -41.63 -19.43 -5.73
CA PHE A 412 -40.80 -19.76 -4.55
C PHE A 412 -40.19 -18.55 -3.88
N GLY A 413 -39.89 -18.70 -2.61
CA GLY A 413 -39.23 -17.63 -1.82
C GLY A 413 -40.23 -16.91 -1.00
N VAL A 414 -39.88 -15.70 -0.56
CA VAL A 414 -40.75 -14.93 0.33
C VAL A 414 -41.79 -14.26 -0.50
N ARG A 415 -43.05 -14.36 -0.09
CA ARG A 415 -44.20 -13.88 -0.84
C ARG A 415 -45.37 -13.55 0.09
N ASP A 416 -45.60 -12.26 0.33
CA ASP A 416 -46.69 -11.82 1.23
C ASP A 416 -46.43 -12.19 2.69
N GLY A 417 -45.20 -12.01 3.16
CA GLY A 417 -44.82 -12.43 4.54
C GLY A 417 -44.79 -13.93 4.87
N LEU A 418 -44.59 -14.78 3.86
CA LEU A 418 -44.65 -16.25 3.97
C LEU A 418 -43.56 -16.85 3.12
N TYR A 419 -43.00 -17.98 3.52
CA TYR A 419 -41.94 -18.58 2.74
C TYR A 419 -42.39 -19.86 2.01
N TYR A 420 -42.27 -19.87 0.70
CA TYR A 420 -42.56 -20.99 -0.14
C TYR A 420 -41.22 -21.72 -0.49
N LEU A 421 -41.04 -22.90 0.08
CA LEU A 421 -39.81 -23.71 -0.08
C LEU A 421 -39.78 -24.48 -1.40
N THR A 422 -38.58 -24.66 -1.93
CA THR A 422 -38.36 -25.55 -3.04
C THR A 422 -38.10 -26.92 -2.44
N GLU A 423 -38.13 -27.95 -3.27
CA GLU A 423 -37.76 -29.30 -2.83
C GLU A 423 -36.31 -29.40 -2.31
N GLN A 424 -35.38 -28.78 -3.03
CA GLN A 424 -33.98 -28.70 -2.62
C GLN A 424 -33.85 -28.08 -1.24
N GLN A 425 -34.61 -27.03 -0.97
CA GLN A 425 -34.57 -26.37 0.32
C GLN A 425 -35.13 -27.29 1.40
N ALA A 426 -36.21 -27.97 1.08
CA ALA A 426 -36.75 -28.95 2.00
C ALA A 426 -35.74 -30.07 2.35
N GLN A 427 -35.05 -30.58 1.35
CA GLN A 427 -33.99 -31.58 1.56
C GLN A 427 -32.84 -31.04 2.47
N ALA A 428 -32.45 -29.79 2.30
CA ALA A 428 -31.48 -29.15 3.20
C ALA A 428 -31.99 -29.08 4.66
N ILE A 429 -33.27 -28.83 4.86
CA ILE A 429 -33.86 -28.89 6.22
C ILE A 429 -33.77 -30.32 6.76
N LEU A 430 -34.13 -31.28 5.91
CA LEU A 430 -34.08 -32.71 6.28
C LEU A 430 -32.65 -33.14 6.56
N ASP A 431 -31.66 -32.48 5.95
CA ASP A 431 -30.24 -32.81 6.17
C ASP A 431 -29.61 -32.08 7.40
N LEU A 432 -30.34 -31.19 8.02
CA LEU A 432 -29.85 -30.42 9.18
C LEU A 432 -29.56 -31.37 10.38
N ARG A 433 -28.40 -31.24 10.99
CA ARG A 433 -28.06 -32.04 12.18
C ARG A 433 -28.66 -31.37 13.42
N LEU A 434 -29.04 -32.15 14.40
CA LEU A 434 -29.63 -31.60 15.64
C LEU A 434 -28.74 -30.52 16.33
N GLN A 435 -27.42 -30.64 16.22
CA GLN A 435 -26.59 -29.62 16.82
C GLN A 435 -26.76 -28.20 16.26
N LYS A 436 -27.35 -28.06 15.06
CA LYS A 436 -27.60 -26.76 14.52
C LYS A 436 -28.69 -25.99 15.27
N LEU A 437 -29.42 -26.68 16.16
CA LEU A 437 -30.39 -26.02 17.01
C LEU A 437 -29.79 -25.33 18.21
N THR A 438 -28.53 -25.56 18.55
CA THR A 438 -27.96 -24.86 19.67
C THR A 438 -27.84 -23.37 19.33
N GLY A 439 -27.70 -22.54 20.35
CA GLY A 439 -27.69 -21.06 20.15
C GLY A 439 -26.58 -20.57 19.25
N LEU A 440 -25.35 -21.05 19.48
CA LEU A 440 -24.21 -20.65 18.67
C LEU A 440 -24.31 -21.09 17.21
N GLU A 441 -24.70 -22.33 16.97
CA GLU A 441 -24.82 -22.80 15.56
C GLU A 441 -25.94 -22.06 14.82
N HIS A 442 -27.04 -21.77 15.53
CA HIS A 442 -28.16 -20.99 14.97
C HIS A 442 -27.68 -19.56 14.62
N GLU A 443 -26.99 -18.93 15.56
CA GLU A 443 -26.40 -17.62 15.36
C GLU A 443 -25.43 -17.58 14.14
N LYS A 444 -24.61 -18.62 13.99
CA LYS A 444 -23.59 -18.65 12.93
C LYS A 444 -24.27 -18.68 11.58
N LEU A 445 -25.39 -19.39 11.51
CA LEU A 445 -26.16 -19.43 10.27
C LEU A 445 -26.74 -18.08 9.89
N LEU A 446 -27.32 -17.40 10.86
CA LEU A 446 -27.87 -16.06 10.62
C LEU A 446 -26.77 -15.07 10.22
N ASP A 447 -25.63 -15.12 10.91
CA ASP A 447 -24.50 -14.25 10.60
C ASP A 447 -23.97 -14.52 9.19
N GLU A 448 -23.88 -15.80 8.82
CA GLU A 448 -23.43 -16.16 7.49
C GLU A 448 -24.37 -15.54 6.43
N TYR A 449 -25.68 -15.65 6.67
CA TYR A 449 -26.65 -15.09 5.73
C TYR A 449 -26.51 -13.59 5.58
N LYS A 450 -26.41 -12.88 6.70
CA LYS A 450 -26.14 -11.45 6.67
C LYS A 450 -24.90 -11.04 5.90
N GLU A 451 -23.79 -11.75 6.09
CA GLU A 451 -22.54 -11.43 5.35
C GLU A 451 -22.70 -11.71 3.85
N LEU A 452 -23.43 -12.76 3.48
CA LEU A 452 -23.71 -13.07 2.10
C LEU A 452 -24.51 -11.95 1.43
N LEU A 453 -25.52 -11.40 2.12
CA LEU A 453 -26.28 -10.31 1.56
C LEU A 453 -25.36 -9.13 1.17
N ASP A 454 -24.44 -8.76 2.06
CA ASP A 454 -23.44 -7.72 1.78
C ASP A 454 -22.45 -8.09 0.67
N GLN A 455 -22.03 -9.34 0.61
CA GLN A 455 -21.17 -9.79 -0.48
C GLN A 455 -21.89 -9.71 -1.81
N ILE A 456 -23.16 -10.08 -1.83
CA ILE A 456 -23.97 -10.02 -3.05
C ILE A 456 -24.13 -8.59 -3.56
N ALA A 457 -24.40 -7.65 -2.65
CA ALA A 457 -24.56 -6.23 -3.08
C ALA A 457 -23.25 -5.74 -3.68
N GLU A 458 -22.15 -6.07 -3.03
CA GLU A 458 -20.86 -5.68 -3.54
C GLU A 458 -20.56 -6.31 -4.92
N LEU A 459 -20.78 -7.61 -5.06
CA LEU A 459 -20.53 -8.28 -6.34
C LEU A 459 -21.38 -7.68 -7.51
N LEU A 460 -22.64 -7.33 -7.23
CA LEU A 460 -23.48 -6.68 -8.22
C LEU A 460 -22.91 -5.31 -8.62
N ARG A 461 -22.42 -4.54 -7.66
CA ARG A 461 -21.81 -3.25 -7.98
C ARG A 461 -20.59 -3.42 -8.92
N ILE A 462 -19.77 -4.44 -8.66
CA ILE A 462 -18.60 -4.72 -9.47
C ILE A 462 -19.00 -5.16 -10.86
N LEU A 463 -19.93 -6.11 -10.94
CA LEU A 463 -20.33 -6.64 -12.26
C LEU A 463 -21.00 -5.60 -13.08
N GLY A 464 -21.68 -4.67 -12.40
CA GLY A 464 -22.41 -3.67 -13.07
C GLY A 464 -21.53 -2.52 -13.57
N SER A 465 -20.24 -2.51 -13.25
CA SER A 465 -19.37 -1.35 -13.54
C SER A 465 -18.08 -1.82 -14.20
N ALA A 466 -17.95 -1.52 -15.46
CA ALA A 466 -16.69 -1.74 -16.14
C ALA A 466 -15.48 -1.08 -15.40
N ASP A 467 -15.66 0.13 -14.86
CA ASP A 467 -14.61 0.81 -14.10
C ASP A 467 -14.16 -0.01 -12.88
N ARG A 468 -15.12 -0.53 -12.12
CA ARG A 468 -14.78 -1.36 -10.96
C ARG A 468 -14.07 -2.63 -11.37
N LEU A 469 -14.56 -3.26 -12.42
CA LEU A 469 -14.00 -4.52 -12.85
C LEU A 469 -12.54 -4.33 -13.32
N MET A 470 -12.30 -3.30 -14.14
CA MET A 470 -10.95 -2.96 -14.60
C MET A 470 -10.07 -2.61 -13.41
N GLU A 471 -10.64 -1.97 -12.38
CA GLU A 471 -9.84 -1.62 -11.23
C GLU A 471 -9.41 -2.84 -10.42
N VAL A 472 -10.28 -3.83 -10.30
CA VAL A 472 -9.90 -5.06 -9.65
C VAL A 472 -8.74 -5.68 -10.40
N ILE A 473 -8.81 -5.72 -11.74
CA ILE A 473 -7.73 -6.29 -12.54
C ILE A 473 -6.41 -5.58 -12.27
N ARG A 474 -6.45 -4.25 -12.25
CA ARG A 474 -5.24 -3.51 -12.04
C ARG A 474 -4.71 -3.73 -10.67
N GLU A 475 -5.59 -3.68 -9.66
CA GLU A 475 -5.15 -3.80 -8.26
C GLU A 475 -4.56 -5.16 -7.99
N GLU A 476 -5.11 -6.18 -8.61
CA GLU A 476 -4.51 -7.51 -8.53
C GLU A 476 -3.08 -7.57 -9.10
N LEU A 477 -2.85 -6.94 -10.24
CA LEU A 477 -1.50 -6.90 -10.82
C LEU A 477 -0.56 -6.17 -9.92
N GLU A 478 -1.00 -5.01 -9.43
CA GLU A 478 -0.16 -4.21 -8.58
C GLU A 478 0.22 -4.95 -7.31
N LEU A 479 -0.74 -5.67 -6.74
CA LEU A 479 -0.45 -6.46 -5.52
C LEU A 479 0.56 -7.58 -5.82
N VAL A 480 0.44 -8.22 -6.98
CA VAL A 480 1.44 -9.20 -7.42
C VAL A 480 2.87 -8.60 -7.46
N ARG A 481 2.96 -7.39 -8.01
CA ARG A 481 4.22 -6.69 -8.07
C ARG A 481 4.77 -6.42 -6.68
N GLU A 482 3.92 -5.96 -5.78
CA GLU A 482 4.33 -5.68 -4.40
C GLU A 482 4.77 -6.95 -3.67
N GLN A 483 4.09 -8.07 -3.91
CA GLN A 483 4.37 -9.30 -3.16
C GLN A 483 5.54 -10.12 -3.70
N PHE A 484 5.69 -10.16 -5.03
CA PHE A 484 6.62 -11.05 -5.66
C PHE A 484 7.69 -10.37 -6.50
N GLY A 485 7.55 -9.07 -6.74
CA GLY A 485 8.55 -8.32 -7.49
C GLY A 485 9.89 -8.31 -6.76
N ASP A 486 10.95 -8.46 -7.53
CA ASP A 486 12.32 -8.43 -7.02
C ASP A 486 13.20 -7.63 -7.95
N LYS A 487 14.48 -7.53 -7.61
CA LYS A 487 15.44 -6.74 -8.38
C LYS A 487 15.86 -7.40 -9.68
N ARG A 488 16.21 -6.56 -10.66
CA ARG A 488 16.80 -7.04 -11.89
C ARG A 488 18.11 -7.72 -11.51
N ARG A 489 18.45 -8.79 -12.22
CA ARG A 489 19.71 -9.49 -12.02
C ARG A 489 20.68 -9.31 -13.20
N THR A 490 20.17 -9.31 -14.42
CA THR A 490 20.96 -9.21 -15.62
C THR A 490 21.18 -7.73 -16.04
N GLU A 491 22.43 -7.35 -16.32
CA GLU A 491 22.75 -5.99 -16.83
C GLU A 491 22.49 -6.00 -18.39
N ILE A 492 21.75 -5.01 -18.91
CA ILE A 492 21.58 -4.87 -20.36
C ILE A 492 22.69 -3.95 -20.94
N ALA B 4 9.30 28.05 -2.63
CA ALA B 4 10.56 27.28 -2.56
C ALA B 4 11.17 27.32 -1.15
N LEU B 5 10.97 28.40 -0.38
CA LEU B 5 11.47 28.42 1.01
C LEU B 5 10.31 28.09 1.96
N PRO B 6 10.59 27.31 3.02
CA PRO B 6 9.53 27.13 3.99
C PRO B 6 9.23 28.42 4.80
N ASP B 7 7.99 28.56 5.24
CA ASP B 7 7.63 29.62 6.19
C ASP B 7 8.20 29.19 7.55
N VAL B 8 8.85 30.10 8.27
CA VAL B 8 9.45 29.74 9.61
C VAL B 8 8.39 29.25 10.62
N ARG B 9 7.17 29.73 10.47
CA ARG B 9 6.09 29.45 11.43
C ARG B 9 5.54 28.05 11.33
N ASP B 10 5.30 27.52 10.11
CA ASP B 10 4.71 26.19 10.00
C ASP B 10 5.60 25.20 9.36
N GLY B 11 6.75 25.66 8.87
CA GLY B 11 7.68 24.78 8.20
C GLY B 11 7.26 24.32 6.82
N LEU B 12 6.20 24.86 6.27
CA LEU B 12 5.69 24.33 5.00
C LEU B 12 6.01 25.23 3.83
N LYS B 13 6.14 24.65 2.67
CA LYS B 13 6.18 25.38 1.43
C LYS B 13 4.74 25.40 0.87
N PRO B 14 4.50 26.26 -0.12
CA PRO B 14 3.17 26.39 -0.67
C PRO B 14 2.55 25.09 -1.15
N VAL B 15 3.29 24.26 -1.87
CA VAL B 15 2.71 23.00 -2.32
C VAL B 15 2.24 22.12 -1.15
N HIS B 16 3.01 22.06 -0.06
CA HIS B 16 2.68 21.21 1.09
C HIS B 16 1.38 21.72 1.71
N ARG B 17 1.27 23.02 1.79
CA ARG B 17 0.14 23.64 2.41
C ARG B 17 -1.16 23.41 1.57
N ARG B 18 -1.02 23.44 0.24
CA ARG B 18 -2.15 23.18 -0.63
CA ARG B 18 -2.11 23.11 -0.73
C ARG B 18 -2.63 21.71 -0.51
N VAL B 19 -1.71 20.77 -0.40
CA VAL B 19 -2.09 19.38 -0.20
C VAL B 19 -2.82 19.17 1.11
N LEU B 20 -2.24 19.67 2.19
CA LEU B 20 -2.83 19.45 3.51
C LEU B 20 -4.17 20.18 3.64
N TYR B 21 -4.26 21.39 3.11
CA TYR B 21 -5.50 22.11 3.14
C TYR B 21 -6.60 21.38 2.34
N ALA B 22 -6.29 20.89 1.14
CA ALA B 22 -7.29 20.13 0.35
C ALA B 22 -7.78 18.87 1.12
N MET B 23 -6.89 18.23 1.87
CA MET B 23 -7.26 17.06 2.67
C MET B 23 -8.20 17.44 3.78
N ASN B 24 -7.91 18.58 4.39
CA ASN B 24 -8.74 19.13 5.46
CA ASN B 24 -8.75 19.08 5.45
C ASN B 24 -10.17 19.41 4.91
N VAL B 25 -10.25 20.14 3.81
CA VAL B 25 -11.52 20.53 3.14
C VAL B 25 -12.28 19.30 2.65
N LEU B 26 -11.59 18.28 2.16
CA LEU B 26 -12.20 17.01 1.84
C LEU B 26 -12.73 16.23 3.06
N GLY B 27 -12.37 16.62 4.28
CA GLY B 27 -12.75 15.83 5.46
C GLY B 27 -11.99 14.50 5.51
N ASN B 28 -10.77 14.48 4.98
CA ASN B 28 -9.96 13.28 4.87
C ASN B 28 -9.15 13.10 6.19
N ASP B 29 -9.90 12.94 7.26
CA ASP B 29 -9.44 12.96 8.64
C ASP B 29 -8.85 11.64 9.12
N TRP B 30 -8.08 11.73 10.20
CA TRP B 30 -7.40 10.57 10.77
C TRP B 30 -8.35 9.47 11.22
N ASN B 31 -9.56 9.84 11.65
CA ASN B 31 -10.55 8.86 12.09
C ASN B 31 -11.63 8.51 11.04
N LYS B 32 -11.39 8.78 9.78
CA LYS B 32 -12.35 8.38 8.72
C LYS B 32 -11.67 7.48 7.73
N ALA B 33 -12.45 6.90 6.84
CA ALA B 33 -11.94 5.92 5.88
C ALA B 33 -10.86 6.55 5.06
N TYR B 34 -9.86 5.74 4.69
CA TYR B 34 -8.88 6.16 3.69
C TYR B 34 -9.54 6.55 2.38
N LYS B 35 -8.89 7.49 1.69
CA LYS B 35 -9.29 7.85 0.32
C LYS B 35 -8.13 7.48 -0.61
N LYS B 36 -8.43 7.11 -1.84
CA LYS B 36 -7.38 6.94 -2.84
C LYS B 36 -6.64 8.25 -3.01
N SER B 37 -5.32 8.16 -3.11
CA SER B 37 -4.51 9.36 -3.34
C SER B 37 -4.99 10.22 -4.50
N ALA B 38 -5.43 9.57 -5.58
CA ALA B 38 -5.93 10.26 -6.76
C ALA B 38 -7.02 11.25 -6.45
N ARG B 39 -7.87 10.96 -5.44
CA ARG B 39 -8.94 11.86 -5.12
C ARG B 39 -8.41 13.17 -4.60
N VAL B 40 -7.42 13.10 -3.72
CA VAL B 40 -6.77 14.32 -3.21
C VAL B 40 -5.99 15.03 -4.31
N VAL B 41 -5.26 14.26 -5.12
CA VAL B 41 -4.47 14.84 -6.19
C VAL B 41 -5.37 15.65 -7.12
N GLY B 42 -6.53 15.05 -7.48
CA GLY B 42 -7.45 15.68 -8.40
C GLY B 42 -7.98 16.98 -7.86
N ASP B 43 -8.31 16.99 -6.59
CA ASP B 43 -8.72 18.26 -5.96
C ASP B 43 -7.66 19.37 -5.91
N VAL B 44 -6.45 19.00 -5.55
CA VAL B 44 -5.33 19.94 -5.52
C VAL B 44 -5.05 20.51 -6.90
N ILE B 45 -5.02 19.65 -7.90
CA ILE B 45 -4.81 20.10 -9.27
C ILE B 45 -5.88 21.07 -9.74
N GLY B 46 -7.14 20.78 -9.44
CA GLY B 46 -8.21 21.62 -9.94
C GLY B 46 -8.27 22.95 -9.24
N LYS B 47 -8.03 22.98 -7.94
CA LYS B 47 -8.17 24.20 -7.16
C LYS B 47 -6.88 24.99 -6.93
N TYR B 48 -5.74 24.31 -6.82
CA TYR B 48 -4.49 24.96 -6.38
C TYR B 48 -3.29 24.85 -7.31
N HIS B 49 -3.20 23.77 -8.09
CA HIS B 49 -1.96 23.47 -8.81
C HIS B 49 -2.31 22.96 -10.20
N PRO B 50 -2.70 23.86 -11.09
CA PRO B 50 -3.40 23.38 -12.27
C PRO B 50 -2.45 23.00 -13.39
N HIS B 51 -1.57 22.04 -13.08
CA HIS B 51 -0.62 21.58 -14.06
C HIS B 51 -0.43 20.10 -13.79
N GLY B 52 -0.35 19.25 -14.80
CA GLY B 52 -0.18 17.84 -14.49
C GLY B 52 1.27 17.40 -14.31
N ASP B 53 1.97 17.87 -13.28
CA ASP B 53 3.32 17.32 -13.05
C ASP B 53 3.24 16.33 -11.88
N SER B 54 4.39 15.77 -11.51
CA SER B 54 4.44 14.75 -10.48
C SER B 54 4.49 15.38 -9.10
N ALA B 55 4.56 16.73 -9.00
CA ALA B 55 4.84 17.37 -7.71
C ALA B 55 3.80 17.13 -6.66
N VAL B 56 2.52 17.15 -7.05
CA VAL B 56 1.49 17.05 -6.02
C VAL B 56 1.54 15.65 -5.35
N TYR B 57 1.52 14.61 -6.19
CA TYR B 57 1.60 13.23 -5.66
C TYR B 57 2.94 12.97 -4.99
N ASP B 58 4.04 13.47 -5.55
CA ASP B 58 5.37 13.34 -4.90
C ASP B 58 5.35 13.88 -3.49
N THR B 59 4.62 14.97 -3.28
CA THR B 59 4.53 15.60 -1.96
C THR B 59 3.71 14.77 -1.00
N ILE B 60 2.62 14.20 -1.50
CA ILE B 60 1.84 13.26 -0.70
C ILE B 60 2.70 12.07 -0.27
N VAL B 61 3.40 11.48 -1.21
CA VAL B 61 4.22 10.32 -0.96
C VAL B 61 5.33 10.61 0.08
N ARG B 62 6.04 11.73 -0.09
CA ARG B 62 7.12 12.10 0.83
C ARG B 62 6.57 12.30 2.24
N MET B 63 5.38 12.93 2.36
CA MET B 63 4.75 13.15 3.65
C MET B 63 4.31 11.89 4.40
N ALA B 64 4.22 10.78 3.68
CA ALA B 64 3.80 9.52 4.23
C ALA B 64 4.95 8.56 4.51
N GLN B 65 6.14 8.83 4.01
CA GLN B 65 7.24 7.87 4.12
C GLN B 65 7.92 8.05 5.49
N PRO B 66 7.94 7.00 6.31
CA PRO B 66 8.63 7.06 7.61
C PRO B 66 10.16 7.17 7.53
N PHE B 67 10.76 6.85 6.40
CA PHE B 67 12.19 7.14 6.19
C PHE B 67 12.43 8.58 5.70
N SER B 68 11.38 9.36 5.40
CA SER B 68 11.53 10.72 4.92
C SER B 68 11.20 11.75 5.97
N LEU B 69 10.03 11.64 6.59
CA LEU B 69 9.58 12.58 7.60
C LEU B 69 9.71 12.01 8.99
N ARG B 70 10.29 12.80 9.89
CA ARG B 70 10.41 12.41 11.28
C ARG B 70 9.06 12.25 11.97
N TYR B 71 8.08 13.11 11.61
CA TYR B 71 6.69 12.96 12.03
C TYR B 71 5.79 13.03 10.73
N MET B 72 5.36 11.87 10.25
CA MET B 72 4.58 11.80 9.02
C MET B 72 3.34 12.67 9.13
N LEU B 73 3.11 13.45 8.10
CA LEU B 73 1.88 14.30 8.01
C LEU B 73 0.68 13.59 7.31
N VAL B 74 0.99 12.54 6.56
CA VAL B 74 0.00 11.70 5.87
C VAL B 74 0.13 10.28 6.37
N ASP B 75 -1.01 9.71 6.74
CA ASP B 75 -1.15 8.33 7.07
C ASP B 75 -1.50 7.59 5.76
N GLY B 76 -0.54 6.80 5.28
CA GLY B 76 -0.62 6.11 4.01
C GLY B 76 -0.68 4.61 4.18
N GLN B 77 -1.46 3.98 3.32
CA GLN B 77 -1.62 2.53 3.31
C GLN B 77 -1.42 2.10 1.87
N GLY B 78 -0.55 1.12 1.63
CA GLY B 78 -0.13 0.71 0.29
C GLY B 78 1.37 0.90 0.08
N ASN B 79 1.80 0.92 -1.17
CA ASN B 79 3.23 0.95 -1.47
C ASN B 79 3.64 2.40 -1.72
N PHE B 80 4.33 2.99 -0.75
CA PHE B 80 4.79 4.37 -0.84
C PHE B 80 6.29 4.44 -1.11
N GLY B 81 6.85 3.37 -1.65
CA GLY B 81 8.24 3.30 -2.03
C GLY B 81 9.07 2.86 -0.87
N SER B 82 10.34 2.67 -1.14
CA SER B 82 11.25 2.20 -0.12
C SER B 82 12.51 3.03 -0.08
N ILE B 83 13.31 2.75 0.95
CA ILE B 83 14.61 3.36 1.07
C ILE B 83 15.59 2.94 -0.05
N ASP B 84 15.20 1.94 -0.86
CA ASP B 84 15.96 1.58 -2.05
C ASP B 84 15.60 2.42 -3.29
N GLY B 85 14.67 3.36 -3.14
CA GLY B 85 14.38 4.27 -4.23
C GLY B 85 13.40 3.70 -5.23
N ASP B 86 12.77 2.57 -4.90
CA ASP B 86 11.63 2.12 -5.69
C ASP B 86 10.56 3.19 -5.56
N SER B 87 9.86 3.45 -6.64
CA SER B 87 8.79 4.45 -6.62
C SER B 87 7.59 3.90 -5.86
N ALA B 88 6.80 4.82 -5.37
CA ALA B 88 5.52 4.52 -4.81
C ALA B 88 4.68 3.94 -5.93
N ALA B 89 3.67 3.16 -5.56
CA ALA B 89 2.67 2.80 -6.55
C ALA B 89 1.95 4.05 -7.03
N ALA B 90 1.35 3.94 -8.19
CA ALA B 90 0.59 5.07 -8.76
C ALA B 90 -0.54 5.51 -7.83
N MET B 91 -0.96 6.76 -8.01
CA MET B 91 -1.95 7.41 -7.13
C MET B 91 -3.33 6.73 -7.06
N ARG B 92 -3.68 5.97 -8.09
CA ARG B 92 -4.93 5.22 -8.06
C ARG B 92 -4.90 4.04 -7.09
N TYR B 93 -3.71 3.56 -6.72
CA TYR B 93 -3.62 2.38 -5.84
C TYR B 93 -3.41 2.74 -4.35
N THR B 94 -2.76 3.85 -4.05
CA THR B 94 -2.43 4.15 -2.65
C THR B 94 -3.58 4.86 -1.96
N GLU B 95 -3.65 4.67 -0.64
CA GLU B 95 -4.72 5.21 0.18
C GLU B 95 -4.15 6.10 1.27
N ILE B 96 -4.81 7.24 1.51
CA ILE B 96 -4.30 8.22 2.46
C ILE B 96 -5.42 8.83 3.29
N ARG B 97 -5.00 9.38 4.42
CA ARG B 97 -5.75 10.30 5.22
C ARG B 97 -4.75 11.12 6.05
N LEU B 98 -5.25 12.16 6.71
CA LEU B 98 -4.37 13.00 7.53
C LEU B 98 -3.81 12.21 8.68
N ALA B 99 -2.54 12.37 8.98
CA ALA B 99 -2.01 11.80 10.23
C ALA B 99 -2.61 12.56 11.38
N LYS B 100 -2.70 11.94 12.55
CA LYS B 100 -3.23 12.64 13.71
C LYS B 100 -2.49 13.97 13.98
N ILE B 101 -1.18 13.98 13.81
CA ILE B 101 -0.39 15.19 14.09
C ILE B 101 -0.64 16.33 13.10
N ALA B 102 -1.02 15.99 11.86
CA ALA B 102 -1.43 16.97 10.85
C ALA B 102 -2.65 17.75 11.27
N HIS B 103 -3.53 17.16 12.08
CA HIS B 103 -4.65 17.91 12.64
C HIS B 103 -4.18 18.96 13.64
N GLU B 104 -3.05 18.71 14.29
CA GLU B 104 -2.49 19.72 15.20
C GLU B 104 -1.82 20.85 14.41
N LEU B 105 -1.23 20.49 13.27
CA LEU B 105 -0.67 21.49 12.35
C LEU B 105 -1.76 22.43 11.87
N MET B 106 -2.98 21.91 11.71
CA MET B 106 -4.07 22.74 11.23
C MET B 106 -5.11 23.10 12.29
N ALA B 107 -4.75 22.99 13.57
CA ALA B 107 -5.74 23.24 14.61
C ALA B 107 -6.27 24.68 14.59
N ASP B 108 -7.61 24.85 14.65
CA ASP B 108 -8.23 26.17 14.74
C ASP B 108 -8.18 26.99 13.43
N LEU B 109 -8.02 26.30 12.33
CA LEU B 109 -7.98 26.93 11.03
C LEU B 109 -9.33 27.59 10.70
N GLU B 110 -10.40 27.00 11.18
CA GLU B 110 -11.72 27.56 11.00
C GLU B 110 -12.04 28.74 11.94
N LYS B 111 -11.10 29.17 12.78
CA LYS B 111 -11.40 30.23 13.79
C LYS B 111 -10.68 31.55 13.51
N GLU B 112 -10.49 31.87 12.24
CA GLU B 112 -9.95 33.18 11.83
C GLU B 112 -8.62 33.48 12.51
N THR B 113 -7.79 32.47 12.51
CA THR B 113 -6.50 32.52 13.15
C THR B 113 -5.36 32.90 12.17
N VAL B 114 -5.59 32.73 10.87
CA VAL B 114 -4.54 32.98 9.85
C VAL B 114 -5.20 33.67 8.65
N ASP B 115 -4.42 34.46 7.92
CA ASP B 115 -4.91 35.13 6.73
C ASP B 115 -5.01 34.11 5.61
N PHE B 116 -5.99 34.30 4.76
CA PHE B 116 -6.19 33.46 3.58
C PHE B 116 -5.84 34.31 2.35
N VAL B 117 -5.31 33.67 1.32
CA VAL B 117 -4.93 34.34 0.09
C VAL B 117 -5.66 33.65 -1.08
N ASP B 118 -5.71 34.33 -2.23
CA ASP B 118 -6.31 33.76 -3.44
C ASP B 118 -5.47 32.61 -3.99
N ASN B 119 -6.15 31.62 -4.56
CA ASN B 119 -5.54 30.64 -5.44
C ASN B 119 -5.24 31.31 -6.80
N TYR B 120 -4.82 30.49 -7.77
CA TYR B 120 -4.38 30.97 -9.07
C TYR B 120 -5.43 31.74 -9.88
N ASP B 121 -6.71 31.40 -9.74
CA ASP B 121 -7.76 32.00 -10.57
C ASP B 121 -8.66 32.93 -9.80
N GLY B 122 -8.36 33.13 -8.52
CA GLY B 122 -9.16 33.95 -7.64
C GLY B 122 -10.53 33.38 -7.27
N THR B 123 -10.78 32.08 -7.48
CA THR B 123 -12.08 31.48 -7.14
C THR B 123 -12.03 30.69 -5.83
N GLU B 124 -10.84 30.50 -5.24
CA GLU B 124 -10.69 29.74 -3.98
C GLU B 124 -9.72 30.46 -3.07
N LYS B 125 -9.85 30.25 -1.75
CA LYS B 125 -8.95 30.80 -0.75
C LYS B 125 -8.02 29.72 -0.22
N ILE B 126 -6.85 30.10 0.24
CA ILE B 126 -5.90 29.16 0.76
C ILE B 126 -5.25 29.85 1.96
N PRO B 127 -5.04 29.14 3.06
CA PRO B 127 -4.30 29.80 4.15
C PRO B 127 -2.87 30.14 3.73
N ASP B 128 -2.43 31.31 4.16
CA ASP B 128 -1.09 31.83 3.93
C ASP B 128 -0.07 31.06 4.77
N VAL B 129 -0.51 30.59 5.92
CA VAL B 129 0.29 29.83 6.89
C VAL B 129 -0.71 29.00 7.74
N MET B 130 -0.27 27.85 8.26
CA MET B 130 -1.14 27.03 9.12
C MET B 130 -0.99 27.50 10.59
N PRO B 131 -2.09 27.45 11.35
CA PRO B 131 -2.11 27.85 12.76
C PRO B 131 -1.56 26.72 13.66
N THR B 132 -0.36 26.26 13.33
CA THR B 132 0.19 25.02 13.87
C THR B 132 0.49 25.09 15.38
N LYS B 133 0.08 24.02 16.07
CA LYS B 133 0.50 23.77 17.48
C LYS B 133 1.79 23.02 17.55
N ILE B 134 2.28 22.56 16.40
CA ILE B 134 3.53 21.81 16.28
C ILE B 134 4.64 22.71 15.71
N PRO B 135 5.84 22.70 16.30
CA PRO B 135 6.97 23.44 15.70
C PRO B 135 7.58 22.62 14.49
N ASN B 136 6.81 22.57 13.44
CA ASN B 136 7.05 21.67 12.34
C ASN B 136 8.36 21.94 11.57
N LEU B 137 8.78 23.21 11.45
CA LEU B 137 9.99 23.49 10.73
C LEU B 137 11.15 22.72 11.34
N LEU B 138 11.27 22.75 12.67
CA LEU B 138 12.36 22.07 13.33
C LEU B 138 12.13 20.57 13.34
N VAL B 139 10.90 20.12 13.63
CA VAL B 139 10.80 18.70 13.88
C VAL B 139 10.90 17.91 12.54
N ASN B 140 10.29 18.40 11.47
CA ASN B 140 10.41 17.73 10.17
C ASN B 140 11.50 18.25 9.22
N GLY B 141 12.01 19.45 9.46
CA GLY B 141 13.11 19.99 8.71
C GLY B 141 12.67 20.48 7.37
N SER B 142 13.63 20.83 6.51
CA SER B 142 13.32 21.28 5.14
C SER B 142 14.57 21.30 4.30
N SER B 143 14.44 21.13 3.00
CA SER B 143 15.57 21.45 2.10
C SER B 143 15.11 21.97 0.75
N ALA B 150 18.77 28.78 -1.07
CA ALA B 150 18.88 27.42 -0.54
C ALA B 150 18.62 27.34 0.97
N THR B 151 18.11 26.21 1.43
CA THR B 151 17.89 25.98 2.83
C THR B 151 18.15 24.51 3.06
N ASN B 152 18.62 24.19 4.26
CA ASN B 152 18.83 22.80 4.63
C ASN B 152 18.74 22.65 6.14
N ILE B 153 17.56 22.25 6.61
CA ILE B 153 17.27 22.16 8.02
C ILE B 153 16.95 20.72 8.31
N PRO B 154 17.71 20.11 9.20
CA PRO B 154 17.41 18.71 9.53
C PRO B 154 16.26 18.58 10.50
N PRO B 155 15.69 17.38 10.58
CA PRO B 155 14.62 17.10 11.51
C PRO B 155 15.12 16.99 12.94
N HIS B 156 14.18 17.06 13.89
CA HIS B 156 14.50 17.09 15.34
C HIS B 156 13.44 16.33 16.09
N ASN B 157 13.77 15.96 17.32
CA ASN B 157 12.87 15.24 18.17
C ASN B 157 11.82 16.20 18.74
N LEU B 158 10.57 15.81 18.69
CA LEU B 158 9.48 16.66 19.10
C LEU B 158 9.49 16.96 20.63
N THR B 159 9.81 15.98 21.43
CA THR B 159 9.85 16.14 22.91
C THR B 159 10.90 17.19 23.26
N GLU B 160 12.05 17.05 22.62
CA GLU B 160 13.21 17.97 22.84
C GLU B 160 12.85 19.37 22.40
N VAL B 161 12.24 19.50 21.23
CA VAL B 161 11.95 20.81 20.71
C VAL B 161 10.87 21.51 21.55
N ILE B 162 9.84 20.77 21.93
CA ILE B 162 8.83 21.33 22.81
C ILE B 162 9.48 21.79 24.14
N ASN B 163 10.36 20.97 24.71
CA ASN B 163 11.05 21.38 25.94
C ASN B 163 11.84 22.67 25.75
N GLY B 164 12.46 22.81 24.60
CA GLY B 164 13.12 24.07 24.26
C GLY B 164 12.17 25.26 24.16
N CYS B 165 11.00 25.08 23.51
CA CYS B 165 10.03 26.12 23.44
C CYS B 165 9.57 26.55 24.84
N LEU B 166 9.29 25.58 25.68
CA LEU B 166 8.86 25.84 27.04
C LEU B 166 9.96 26.54 27.86
N ALA B 167 11.21 26.20 27.60
CA ALA B 167 12.31 26.88 28.29
C ALA B 167 12.41 28.34 27.83
N TYR B 168 12.13 28.60 26.56
CA TYR B 168 12.09 29.97 26.05
C TYR B 168 10.93 30.78 26.66
N ILE B 169 9.76 30.16 26.76
CA ILE B 169 8.62 30.83 27.34
C ILE B 169 8.88 31.18 28.81
N ASP B 170 9.58 30.31 29.54
CA ASP B 170 10.00 30.63 30.91
C ASP B 170 11.00 31.76 30.99
N ASP B 171 11.87 31.85 30.02
CA ASP B 171 12.93 32.83 30.04
C ASP B 171 13.26 33.23 28.63
N GLU B 172 12.69 34.34 28.18
CA GLU B 172 12.93 34.81 26.83
C GLU B 172 14.39 35.22 26.59
N ASP B 173 15.14 35.44 27.66
CA ASP B 173 16.58 35.73 27.53
C ASP B 173 17.46 34.48 27.57
N ILE B 174 16.88 33.29 27.49
CA ILE B 174 17.69 32.05 27.44
C ILE B 174 18.76 32.08 26.33
N SER B 175 19.94 31.52 26.62
CA SER B 175 21.06 31.47 25.69
C SER B 175 20.93 30.26 24.77
N ILE B 176 21.79 30.19 23.76
CA ILE B 176 21.80 29.05 22.85
C ILE B 176 22.22 27.81 23.64
N GLU B 177 23.17 27.99 24.54
CA GLU B 177 23.62 26.91 25.41
C GLU B 177 22.49 26.41 26.30
N GLY B 178 21.70 27.34 26.84
CA GLY B 178 20.53 26.99 27.61
C GLY B 178 19.54 26.19 26.77
N LEU B 179 19.33 26.60 25.53
CA LEU B 179 18.41 25.86 24.63
C LEU B 179 18.95 24.46 24.32
N MET B 180 20.27 24.34 24.19
CA MET B 180 20.89 23.04 23.85
C MET B 180 20.86 22.00 24.96
N GLU B 181 20.63 22.42 26.20
CA GLU B 181 20.33 21.47 27.26
C GLU B 181 19.06 20.68 26.93
N HIS B 182 18.11 21.29 26.22
CA HIS B 182 16.90 20.58 25.83
C HIS B 182 16.99 20.01 24.42
N ILE B 183 17.69 20.71 23.52
CA ILE B 183 17.86 20.29 22.12
C ILE B 183 19.34 20.08 21.75
N PRO B 184 19.85 18.87 21.96
CA PRO B 184 21.32 18.69 21.79
C PRO B 184 21.68 18.57 20.30
N GLY B 185 20.71 18.33 19.43
CA GLY B 185 21.01 18.21 18.04
C GLY B 185 19.85 17.68 17.23
N PRO B 186 20.05 17.46 15.93
CA PRO B 186 19.04 16.85 15.08
C PRO B 186 18.72 15.44 15.48
N ASP B 187 17.58 14.95 14.98
CA ASP B 187 17.12 13.57 15.18
C ASP B 187 16.48 13.10 13.88
N PHE B 188 17.16 12.20 13.16
CA PHE B 188 16.71 11.74 11.85
C PHE B 188 15.74 10.58 11.97
N PRO B 189 14.77 10.48 11.05
CA PRO B 189 13.87 9.33 11.13
C PRO B 189 14.58 8.02 10.99
N THR B 190 15.70 8.06 10.26
CA THR B 190 16.53 6.88 9.89
C THR B 190 17.62 6.59 10.91
N ALA B 191 17.55 7.27 12.07
CA ALA B 191 18.47 6.98 13.18
C ALA B 191 19.93 7.24 12.79
N ALA B 192 20.83 6.24 12.95
CA ALA B 192 22.27 6.41 12.70
C ALA B 192 22.93 7.36 13.71
N ILE B 193 24.05 7.96 13.28
CA ILE B 193 24.97 8.67 14.18
C ILE B 193 25.35 10.02 13.58
N ILE B 194 25.30 11.07 14.40
CA ILE B 194 25.85 12.36 13.98
C ILE B 194 27.19 12.54 14.62
N ASN B 195 28.15 13.01 13.85
CA ASN B 195 29.50 13.27 14.36
C ASN B 195 29.86 14.73 14.02
N GLY B 196 30.12 15.51 15.05
CA GLY B 196 30.49 16.90 14.87
C GLY B 196 29.70 17.78 15.82
N ARG B 197 30.04 17.74 17.10
CA ARG B 197 29.26 18.51 18.07
C ARG B 197 29.41 20.02 17.82
N ARG B 198 30.60 20.50 17.46
CA ARG B 198 30.72 21.93 17.29
C ARG B 198 29.92 22.40 16.05
N GLY B 199 29.75 21.52 15.06
CA GLY B 199 28.96 21.82 13.89
C GLY B 199 27.50 22.06 14.22
N ILE B 200 26.98 21.26 15.16
CA ILE B 200 25.65 21.48 15.68
C ILE B 200 25.56 22.83 16.38
N GLU B 201 26.48 23.12 17.30
CA GLU B 201 26.49 24.35 18.03
C GLU B 201 26.61 25.57 17.10
N GLU B 202 27.46 25.46 16.10
CA GLU B 202 27.65 26.56 15.17
C GLU B 202 26.35 26.81 14.38
N ALA B 203 25.68 25.74 13.98
CA ALA B 203 24.39 25.85 13.30
C ALA B 203 23.32 26.53 14.19
N TYR B 204 23.24 26.11 15.45
CA TYR B 204 22.28 26.67 16.37
C TYR B 204 22.58 28.09 16.74
N ARG B 205 23.88 28.45 16.80
CA ARG B 205 24.28 29.80 17.15
C ARG B 205 24.13 30.76 15.97
N THR B 206 24.50 30.32 14.77
CA THR B 206 24.60 31.23 13.62
C THR B 206 23.58 30.93 12.49
N GLY B 207 22.99 29.75 12.49
CA GLY B 207 22.19 29.30 11.35
C GLY B 207 22.92 28.32 10.42
N ARG B 208 24.25 28.31 10.49
CA ARG B 208 25.05 27.52 9.57
C ARG B 208 26.12 26.72 10.29
N GLY B 209 26.17 25.44 9.96
CA GLY B 209 27.19 24.58 10.49
C GLY B 209 27.10 23.28 9.77
N LYS B 210 28.25 22.67 9.53
CA LYS B 210 28.32 21.43 8.81
C LYS B 210 28.59 20.27 9.77
N VAL B 211 27.84 19.20 9.60
CA VAL B 211 28.06 17.98 10.39
C VAL B 211 28.17 16.78 9.46
N TYR B 212 28.59 15.65 10.02
CA TYR B 212 28.66 14.42 9.28
C TYR B 212 27.72 13.38 9.91
N ILE B 213 27.11 12.57 9.05
CA ILE B 213 26.15 11.57 9.47
C ILE B 213 26.77 10.24 9.07
N ARG B 214 26.91 9.34 10.04
CA ARG B 214 27.59 8.08 9.85
C ARG B 214 26.65 6.91 10.08
N ALA B 215 26.79 5.91 9.22
CA ALA B 215 26.07 4.66 9.34
C ALA B 215 26.42 4.01 10.66
N ARG B 216 25.47 3.27 11.22
CA ARG B 216 25.79 2.41 12.35
C ARG B 216 26.18 1.09 11.73
N ALA B 217 27.46 0.75 11.87
CA ALA B 217 28.05 -0.44 11.32
C ALA B 217 29.24 -0.87 12.17
N GLU B 218 29.64 -2.12 12.02
CA GLU B 218 30.90 -2.62 12.62
C GLU B 218 31.31 -4.01 12.09
N VAL B 219 32.47 -4.47 12.56
CA VAL B 219 33.02 -5.79 12.29
C VAL B 219 32.51 -6.80 13.31
N GLU B 220 32.12 -7.98 12.84
CA GLU B 220 31.49 -9.00 13.67
C GLU B 220 32.20 -10.34 13.48
N THR B 229 33.22 -10.05 9.79
CA THR B 229 32.55 -9.36 8.67
C THR B 229 31.80 -8.11 9.11
N ILE B 230 31.55 -7.21 8.16
CA ILE B 230 30.91 -5.92 8.41
C ILE B 230 29.39 -6.02 8.22
N ILE B 231 28.67 -5.53 9.22
CA ILE B 231 27.20 -5.50 9.19
C ILE B 231 26.72 -4.07 9.35
N VAL B 232 25.95 -3.57 8.38
CA VAL B 232 25.36 -2.24 8.45
C VAL B 232 23.90 -2.32 8.89
N HIS B 233 23.57 -1.62 9.98
CA HIS B 233 22.25 -1.61 10.62
C HIS B 233 21.41 -0.35 10.36
N GLU B 234 22.07 0.81 10.23
CA GLU B 234 21.39 2.07 9.98
C GLU B 234 22.30 2.85 9.07
N ILE B 235 21.70 3.64 8.18
CA ILE B 235 22.46 4.47 7.26
C ILE B 235 22.01 5.91 7.35
N PRO B 236 22.79 6.82 6.75
CA PRO B 236 22.44 8.25 6.89
C PRO B 236 21.14 8.62 6.21
N TYR B 237 20.53 9.66 6.72
CA TYR B 237 19.33 10.27 6.18
C TYR B 237 19.52 10.63 4.72
N GLN B 238 18.49 10.39 3.92
CA GLN B 238 18.44 10.67 2.46
C GLN B 238 19.34 9.79 1.61
N VAL B 239 20.03 8.81 2.19
CA VAL B 239 20.82 7.87 1.41
C VAL B 239 19.95 6.71 0.93
N ASN B 240 20.10 6.41 -0.37
CA ASN B 240 19.42 5.34 -1.02
C ASN B 240 20.24 4.06 -0.86
N LYS B 241 19.65 3.09 -0.18
CA LYS B 241 20.36 1.87 0.16
C LYS B 241 20.90 1.13 -1.05
N ALA B 242 20.06 0.94 -2.06
CA ALA B 242 20.49 0.24 -3.27
C ALA B 242 21.61 0.99 -4.00
N ARG B 243 21.54 2.32 -4.02
CA ARG B 243 22.59 3.17 -4.61
C ARG B 243 23.91 3.00 -3.87
N LEU B 244 23.82 2.97 -2.56
CA LEU B 244 24.98 2.73 -1.70
C LEU B 244 25.63 1.40 -2.04
N ILE B 245 24.82 0.35 -2.18
CA ILE B 245 25.33 -0.99 -2.48
C ILE B 245 26.01 -1.02 -3.86
N GLU B 246 25.37 -0.39 -4.85
CA GLU B 246 25.94 -0.29 -6.20
C GLU B 246 27.27 0.47 -6.18
N LYS B 247 27.32 1.52 -5.38
CA LYS B 247 28.54 2.31 -5.26
C LYS B 247 29.69 1.44 -4.72
N ILE B 248 29.37 0.59 -3.74
CA ILE B 248 30.38 -0.32 -3.17
C ILE B 248 30.86 -1.33 -4.20
N ALA B 249 29.96 -1.93 -4.95
CA ALA B 249 30.36 -2.85 -6.03
C ALA B 249 31.26 -2.15 -7.08
N GLU B 250 30.98 -0.90 -7.45
CA GLU B 250 31.80 -0.14 -8.42
C GLU B 250 33.22 0.14 -7.92
N LEU B 251 33.34 0.62 -6.68
CA LEU B 251 34.66 0.86 -6.08
C LEU B 251 35.49 -0.44 -6.01
N VAL B 252 34.83 -1.55 -5.72
CA VAL B 252 35.49 -2.86 -5.70
C VAL B 252 35.92 -3.28 -7.12
N LYS B 253 35.04 -3.13 -8.11
CA LYS B 253 35.40 -3.49 -9.50
C LYS B 253 36.42 -2.51 -10.09
N GLU B 254 36.57 -1.34 -9.47
CA GLU B 254 37.46 -0.28 -9.94
C GLU B 254 38.83 -0.35 -9.27
N LYS B 255 38.92 -1.15 -8.21
CA LYS B 255 40.08 -1.24 -7.28
C LYS B 255 39.69 -0.62 -5.95
N ARG B 256 39.26 0.66 -6.03
CA ARG B 256 39.39 1.61 -4.94
C ARG B 256 39.29 1.06 -3.52
N VAL B 257 38.52 -0.01 -3.34
CA VAL B 257 38.26 -0.59 -2.02
C VAL B 257 38.62 -2.07 -2.10
N GLU B 258 39.66 -2.46 -1.39
CA GLU B 258 40.16 -3.83 -1.44
C GLU B 258 39.73 -4.59 -0.20
N GLY B 259 39.81 -5.91 -0.25
CA GLY B 259 39.56 -6.74 0.92
C GLY B 259 38.13 -7.18 1.10
N ILE B 260 37.25 -6.68 0.23
CA ILE B 260 35.86 -7.12 0.16
C ILE B 260 35.73 -8.31 -0.78
N SER B 261 35.19 -9.41 -0.26
CA SER B 261 34.95 -10.67 -0.99
C SER B 261 33.51 -10.79 -1.51
N ALA B 262 32.55 -10.25 -0.75
CA ALA B 262 31.12 -10.40 -1.07
C ALA B 262 30.29 -9.36 -0.35
N LEU B 263 29.18 -8.94 -0.98
CA LEU B 263 28.15 -8.18 -0.28
C LEU B 263 26.74 -8.68 -0.58
N ARG B 264 25.92 -8.74 0.47
CA ARG B 264 24.52 -9.13 0.36
C ARG B 264 23.66 -8.11 1.09
N ASP B 265 22.48 -7.81 0.55
CA ASP B 265 21.47 -7.07 1.30
C ASP B 265 20.53 -8.07 1.93
N GLU B 266 20.58 -8.18 3.26
CA GLU B 266 19.75 -9.12 4.00
C GLU B 266 18.67 -8.37 4.78
N SER B 267 18.36 -7.14 4.35
CA SER B 267 17.35 -6.32 5.00
C SER B 267 15.97 -6.96 4.80
N ASP B 268 15.07 -6.70 5.74
CA ASP B 268 13.72 -7.22 5.63
C ASP B 268 12.77 -6.35 6.43
N LYS B 269 11.51 -6.78 6.50
CA LYS B 269 10.49 -6.09 7.28
C LYS B 269 10.94 -5.76 8.72
N ASP B 270 11.71 -6.67 9.33
CA ASP B 270 12.21 -6.47 10.70
C ASP B 270 13.48 -5.64 10.82
N GLY B 271 13.86 -4.85 9.80
CA GLY B 271 15.07 -4.02 9.87
C GLY B 271 16.10 -4.16 8.75
N MET B 272 17.03 -3.21 8.74
CA MET B 272 18.10 -3.15 7.76
C MET B 272 19.29 -4.03 8.15
N ARG B 273 19.86 -4.73 7.17
CA ARG B 273 21.03 -5.55 7.41
C ARG B 273 21.83 -5.73 6.12
N ILE B 274 22.89 -4.95 5.95
CA ILE B 274 23.80 -5.07 4.82
C ILE B 274 25.03 -5.81 5.31
N VAL B 275 25.38 -6.87 4.58
CA VAL B 275 26.47 -7.76 4.96
C VAL B 275 27.61 -7.61 3.97
N ILE B 276 28.82 -7.36 4.48
CA ILE B 276 30.01 -7.18 3.65
C ILE B 276 31.11 -8.13 4.17
N GLU B 277 31.53 -9.14 3.40
CA GLU B 277 32.43 -10.17 3.99
C GLU B 277 33.96 -9.94 3.82
N GLU B 285 38.62 -3.47 10.07
CA GLU B 285 38.44 -2.05 10.42
C GLU B 285 39.01 -1.18 9.30
N VAL B 286 40.05 -1.68 8.66
CA VAL B 286 40.67 -0.95 7.56
C VAL B 286 39.66 -0.78 6.43
N VAL B 287 38.97 -1.87 6.09
CA VAL B 287 37.99 -1.85 4.99
C VAL B 287 36.84 -0.91 5.37
N LEU B 288 36.29 -1.10 6.57
CA LEU B 288 35.21 -0.25 7.05
C LEU B 288 35.58 1.22 7.02
N ASN B 289 36.77 1.54 7.52
CA ASN B 289 37.23 2.92 7.52
C ASN B 289 37.38 3.48 6.10
N ASN B 290 37.86 2.61 5.22
CA ASN B 290 37.90 2.93 3.81
C ASN B 290 36.51 3.15 3.20
N LEU B 291 35.56 2.29 3.54
CA LEU B 291 34.14 2.50 3.15
C LEU B 291 33.53 3.80 3.69
N TYR B 292 33.81 4.15 4.94
CA TYR B 292 33.36 5.43 5.45
C TYR B 292 33.96 6.58 4.64
N SER B 293 35.20 6.44 4.18
CA SER B 293 35.89 7.54 3.49
C SER B 293 35.48 7.75 2.02
N GLN B 294 34.97 6.70 1.35
CA GLN B 294 34.67 6.76 -0.09
C GLN B 294 33.24 6.51 -0.49
N THR B 295 32.34 6.39 0.49
CA THR B 295 30.95 6.06 0.19
C THR B 295 30.00 6.84 1.10
N GLN B 296 28.72 6.76 0.76
CA GLN B 296 27.67 7.37 1.57
C GLN B 296 27.36 6.68 2.91
N LEU B 297 28.20 5.75 3.35
CA LEU B 297 28.11 5.26 4.74
C LEU B 297 28.44 6.40 5.69
N GLN B 298 29.11 7.42 5.15
CA GLN B 298 29.21 8.72 5.80
C GLN B 298 28.92 9.80 4.77
N VAL B 299 28.08 10.76 5.15
CA VAL B 299 27.81 11.96 4.35
C VAL B 299 27.94 13.23 5.17
N SER B 300 28.24 14.34 4.50
CA SER B 300 28.12 15.65 5.13
C SER B 300 26.66 16.15 5.07
N PHE B 301 26.24 16.91 6.08
CA PHE B 301 24.97 17.63 6.07
C PHE B 301 25.30 19.05 6.45
N GLY B 302 25.24 19.93 5.45
CA GLY B 302 25.48 21.35 5.65
C GLY B 302 24.19 21.99 6.12
N ILE B 303 24.10 22.27 7.42
CA ILE B 303 22.92 22.91 8.00
C ILE B 303 22.95 24.38 7.61
N ASN B 304 21.83 24.84 7.05
CA ASN B 304 21.71 26.20 6.55
C ASN B 304 20.23 26.61 6.81
N MET B 305 19.97 27.24 7.92
CA MET B 305 18.60 27.43 8.39
C MET B 305 18.02 28.74 7.85
N VAL B 306 17.52 28.65 6.61
CA VAL B 306 16.95 29.76 5.90
C VAL B 306 15.45 29.49 5.84
N ALA B 307 14.65 30.47 6.23
CA ALA B 307 13.18 30.36 6.15
C ALA B 307 12.59 31.73 5.82
N LEU B 308 11.32 31.73 5.45
CA LEU B 308 10.58 32.96 5.20
C LEU B 308 10.15 33.53 6.54
N HIS B 309 10.51 34.78 6.78
CA HIS B 309 10.24 35.43 8.05
C HIS B 309 9.77 36.83 7.73
N HIS B 310 8.53 37.13 8.08
CA HIS B 310 7.90 38.39 7.64
C HIS B 310 8.02 38.56 6.13
N GLY B 311 7.75 37.49 5.39
CA GLY B 311 7.76 37.53 3.92
C GLY B 311 9.13 37.66 3.26
N GLN B 312 10.21 37.59 4.03
CA GLN B 312 11.55 37.73 3.45
C GLN B 312 12.40 36.53 3.85
N PRO B 313 13.29 36.07 2.96
CA PRO B 313 14.18 34.99 3.32
C PRO B 313 15.23 35.46 4.33
N LYS B 314 15.44 34.69 5.38
CA LYS B 314 16.31 35.12 6.46
C LYS B 314 17.04 33.89 6.97
N ILE B 315 18.33 34.07 7.25
CA ILE B 315 19.14 33.10 7.95
C ILE B 315 18.76 33.21 9.44
N MET B 316 18.43 32.10 10.07
CA MET B 316 17.93 32.14 11.44
CA MET B 316 17.91 32.13 11.44
C MET B 316 18.60 31.10 12.33
N ASN B 317 18.97 31.53 13.53
CA ASN B 317 19.57 30.63 14.49
C ASN B 317 18.45 29.92 15.31
N LEU B 318 18.85 29.01 16.18
CA LEU B 318 17.90 28.12 16.87
C LEU B 318 16.89 28.96 17.69
N LYS B 319 17.40 29.95 18.41
CA LYS B 319 16.59 30.86 19.20
C LYS B 319 15.62 31.67 18.33
N ASP B 320 16.09 32.19 17.20
CA ASP B 320 15.21 32.92 16.29
C ASP B 320 14.05 32.02 15.88
N ILE B 321 14.34 30.76 15.56
CA ILE B 321 13.30 29.85 15.04
C ILE B 321 12.24 29.55 16.15
N ILE B 322 12.71 29.25 17.36
CA ILE B 322 11.82 29.03 18.51
C ILE B 322 10.99 30.28 18.83
N ALA B 323 11.62 31.46 18.85
CA ALA B 323 10.93 32.71 19.17
C ALA B 323 9.85 33.00 18.13
N ALA B 324 10.14 32.72 16.85
CA ALA B 324 9.16 32.91 15.79
C ALA B 324 7.96 31.97 15.95
N PHE B 325 8.22 30.72 16.32
CA PHE B 325 7.14 29.81 16.56
C PHE B 325 6.29 30.21 17.74
N VAL B 326 6.91 30.62 18.84
CA VAL B 326 6.17 31.08 19.99
C VAL B 326 5.37 32.38 19.67
N ARG B 327 5.94 33.29 18.88
CA ARG B 327 5.25 34.53 18.53
C ARG B 327 4.02 34.19 17.68
N HIS B 328 4.14 33.17 16.81
CA HIS B 328 3.05 32.68 16.02
C HIS B 328 1.93 32.12 16.89
N ARG B 329 2.26 31.31 17.87
CA ARG B 329 1.28 30.81 18.82
C ARG B 329 0.60 31.99 19.54
N ARG B 330 1.32 33.03 19.93
CA ARG B 330 0.71 34.23 20.51
C ARG B 330 -0.33 34.86 19.55
N GLU B 331 0.04 35.05 18.28
CA GLU B 331 -0.90 35.59 17.28
C GLU B 331 -2.11 34.68 17.08
N VAL B 332 -1.86 33.39 16.93
CA VAL B 332 -2.94 32.44 16.68
C VAL B 332 -3.93 32.41 17.86
N VAL B 333 -3.40 32.28 19.06
CA VAL B 333 -4.25 32.16 20.25
C VAL B 333 -5.00 33.45 20.52
N THR B 334 -4.37 34.59 20.30
CA THR B 334 -5.07 35.85 20.38
C THR B 334 -6.22 35.94 19.38
N ARG B 335 -5.94 35.64 18.12
CA ARG B 335 -6.95 35.69 17.11
C ARG B 335 -8.07 34.68 17.38
N ARG B 336 -7.69 33.48 17.81
CA ARG B 336 -8.65 32.45 18.14
C ARG B 336 -9.60 32.91 19.24
N THR B 337 -9.03 33.56 20.24
CA THR B 337 -9.76 34.00 21.40
C THR B 337 -10.71 35.12 21.00
N ILE B 338 -10.27 36.05 20.16
CA ILE B 338 -11.16 37.10 19.63
C ILE B 338 -12.34 36.46 18.88
N PHE B 339 -12.03 35.45 18.06
CA PHE B 339 -13.05 34.77 17.26
C PHE B 339 -14.06 34.07 18.16
N GLU B 340 -13.56 33.30 19.12
CA GLU B 340 -14.44 32.52 19.97
C GLU B 340 -15.30 33.44 20.84
N LEU B 341 -14.73 34.55 21.31
CA LEU B 341 -15.46 35.55 22.07
C LEU B 341 -16.62 36.11 21.25
N ARG B 342 -16.34 36.51 20.00
CA ARG B 342 -17.37 37.05 19.11
C ARG B 342 -18.47 36.01 18.82
N LYS B 343 -18.07 34.81 18.43
CA LYS B 343 -19.00 33.74 18.18
C LYS B 343 -19.88 33.41 19.43
N ALA B 344 -19.25 33.34 20.61
CA ALA B 344 -19.93 32.98 21.84
C ALA B 344 -20.93 34.06 22.24
N ARG B 345 -20.56 35.32 22.08
CA ARG B 345 -21.49 36.41 22.35
C ARG B 345 -22.66 36.41 21.38
N ASP B 346 -22.37 36.20 20.09
CA ASP B 346 -23.45 36.12 19.07
C ASP B 346 -24.40 34.98 19.40
N ARG B 347 -23.86 33.81 19.76
CA ARG B 347 -24.70 32.67 20.11
C ARG B 347 -25.52 32.95 21.37
N ALA B 348 -24.87 33.49 22.40
CA ALA B 348 -25.54 33.71 23.69
C ALA B 348 -26.69 34.69 23.49
N HIS B 349 -26.45 35.68 22.64
CA HIS B 349 -27.43 36.70 22.30
C HIS B 349 -28.64 36.01 21.67
N ILE B 350 -28.41 35.11 20.71
CA ILE B 350 -29.52 34.38 20.10
C ILE B 350 -30.26 33.55 21.16
N LEU B 351 -29.50 32.88 22.04
CA LEU B 351 -30.09 31.97 23.02
C LEU B 351 -30.92 32.69 24.07
N GLU B 352 -30.54 33.93 24.37
CA GLU B 352 -31.38 34.75 25.25
C GLU B 352 -32.76 34.89 24.67
N ALA B 353 -32.82 35.10 23.36
CA ALA B 353 -34.13 35.29 22.71
C ALA B 353 -34.93 33.98 22.74
N LEU B 354 -34.26 32.87 22.45
CA LEU B 354 -34.89 31.54 22.50
C LEU B 354 -35.43 31.19 23.91
N ALA B 355 -34.65 31.50 24.96
CA ALA B 355 -35.07 31.24 26.33
C ALA B 355 -36.29 32.09 26.71
N VAL B 356 -36.28 33.36 26.30
CA VAL B 356 -37.42 34.25 26.60
C VAL B 356 -38.67 33.78 25.89
N ALA B 357 -38.53 33.41 24.62
CA ALA B 357 -39.66 32.91 23.84
C ALA B 357 -40.23 31.63 24.43
N LEU B 358 -39.34 30.70 24.83
CA LEU B 358 -39.79 29.44 25.44
C LEU B 358 -40.40 29.64 26.83
N ALA B 359 -39.97 30.67 27.54
CA ALA B 359 -40.61 31.05 28.81
C ALA B 359 -41.94 31.79 28.59
N ASN B 360 -42.23 32.20 27.34
CA ASN B 360 -43.42 32.97 26.98
C ASN B 360 -44.15 32.28 25.82
N ILE B 361 -44.14 30.96 25.83
CA ILE B 361 -44.56 30.20 24.68
C ILE B 361 -45.99 30.51 24.24
N ASP B 362 -46.94 30.53 25.19
CA ASP B 362 -48.36 30.77 24.82
C ASP B 362 -48.59 32.13 24.14
N PRO B 363 -48.15 33.25 24.76
CA PRO B 363 -48.31 34.53 24.06
C PRO B 363 -47.51 34.61 22.74
N ILE B 364 -46.35 33.96 22.68
CA ILE B 364 -45.57 33.94 21.45
C ILE B 364 -46.42 33.32 20.35
N ILE B 365 -46.96 32.12 20.60
CA ILE B 365 -47.77 31.42 19.60
C ILE B 365 -49.02 32.24 19.22
N GLU B 366 -49.74 32.75 20.21
CA GLU B 366 -50.92 33.60 19.93
C GLU B 366 -50.51 34.78 19.05
N LEU B 367 -49.37 35.42 19.36
CA LEU B 367 -48.90 36.53 18.52
C LEU B 367 -48.64 36.10 17.07
N ILE B 368 -47.85 35.04 16.89
CA ILE B 368 -47.50 34.61 15.57
C ILE B 368 -48.78 34.17 14.85
N ASN B 384 -42.81 45.26 21.39
CA ASN B 384 -42.90 45.23 22.84
C ASN B 384 -41.85 44.31 23.48
N PRO B 385 -41.29 44.71 24.64
CA PRO B 385 -40.44 43.83 25.41
C PRO B 385 -41.21 42.69 26.09
N TRP B 386 -40.48 41.70 26.57
CA TRP B 386 -41.03 40.47 27.15
C TRP B 386 -40.59 40.28 28.60
N GLN B 387 -41.48 39.78 29.44
CA GLN B 387 -41.14 39.39 30.81
C GLN B 387 -40.24 38.16 30.79
N LEU B 388 -39.41 38.03 31.82
CA LEU B 388 -38.37 37.00 31.85
C LEU B 388 -38.83 35.67 32.43
N GLY B 389 -39.86 35.68 33.26
CA GLY B 389 -40.49 34.45 33.75
C GLY B 389 -39.53 33.55 34.51
N ASP B 401 -22.86 43.16 31.48
CA ASP B 401 -22.66 43.55 30.08
C ASP B 401 -21.77 42.55 29.31
N ALA B 402 -21.10 41.64 30.02
CA ALA B 402 -20.00 40.87 29.44
C ALA B 402 -20.40 40.03 28.24
N ALA B 403 -21.64 39.56 28.21
CA ALA B 403 -22.12 38.68 27.15
C ALA B 403 -22.69 39.42 25.93
N ARG B 404 -22.81 40.74 26.02
CA ARG B 404 -23.34 41.54 24.91
C ARG B 404 -22.35 41.53 23.75
N PRO B 405 -22.84 41.23 22.52
CA PRO B 405 -22.02 41.50 21.35
C PRO B 405 -21.58 42.96 21.33
N GLU B 406 -20.39 43.21 20.81
CA GLU B 406 -19.83 44.55 20.75
C GLU B 406 -20.63 45.49 19.83
N TRP B 407 -21.34 44.92 18.86
CA TRP B 407 -22.13 45.71 17.90
C TRP B 407 -23.53 46.10 18.41
N LEU B 408 -23.95 45.55 19.55
CA LEU B 408 -25.34 45.72 20.01
C LEU B 408 -25.58 47.08 20.72
N GLU B 409 -26.47 47.89 20.13
CA GLU B 409 -26.68 49.29 20.55
C GLU B 409 -27.74 49.33 21.70
N PRO B 410 -28.42 50.50 21.98
CA PRO B 410 -28.95 50.61 23.36
C PRO B 410 -28.81 49.38 24.26
N LEU B 418 -37.25 43.27 31.77
CA LEU B 418 -37.90 42.98 30.50
C LEU B 418 -36.86 42.75 29.40
N TYR B 419 -37.19 41.92 28.40
CA TYR B 419 -36.26 41.67 27.30
C TYR B 419 -36.70 42.35 26.00
N TYR B 420 -35.85 43.23 25.47
CA TYR B 420 -36.05 43.94 24.22
C TYR B 420 -35.28 43.21 23.12
N LEU B 421 -36.01 42.62 22.19
CA LEU B 421 -35.46 41.85 21.09
C LEU B 421 -34.92 42.71 19.93
N THR B 422 -33.92 42.20 19.25
CA THR B 422 -33.47 42.76 17.98
C THR B 422 -34.22 41.98 16.87
N GLU B 423 -34.19 42.47 15.64
CA GLU B 423 -34.84 41.77 14.51
C GLU B 423 -34.25 40.36 14.28
N GLN B 424 -32.92 40.27 14.33
CA GLN B 424 -32.19 39.00 14.18
C GLN B 424 -32.69 37.99 15.21
N GLN B 425 -32.89 38.46 16.44
CA GLN B 425 -33.40 37.59 17.50
C GLN B 425 -34.82 37.12 17.22
N ALA B 426 -35.66 38.04 16.79
CA ALA B 426 -37.03 37.70 16.39
C ALA B 426 -37.04 36.64 15.26
N GLN B 427 -36.18 36.82 14.26
CA GLN B 427 -36.04 35.85 13.16
C GLN B 427 -35.62 34.45 13.65
N ALA B 428 -34.72 34.39 14.62
CA ALA B 428 -34.34 33.12 15.23
C ALA B 428 -35.51 32.43 15.94
N ILE B 429 -36.35 33.21 16.63
CA ILE B 429 -37.58 32.68 17.24
C ILE B 429 -38.48 32.12 16.13
N LEU B 430 -38.63 32.90 15.06
CA LEU B 430 -39.42 32.48 13.91
C LEU B 430 -38.87 31.22 13.24
N ASP B 431 -37.55 31.00 13.33
CA ASP B 431 -36.94 29.82 12.71
C ASP B 431 -36.98 28.61 13.61
N LEU B 432 -37.43 28.77 14.85
CA LEU B 432 -37.44 27.66 15.80
C LEU B 432 -38.35 26.53 15.33
N ARG B 433 -37.77 25.34 15.24
CA ARG B 433 -38.52 24.15 14.91
C ARG B 433 -39.24 23.70 16.19
N LEU B 434 -40.41 23.13 16.00
CA LEU B 434 -41.26 22.88 17.13
C LEU B 434 -40.62 21.87 18.08
N GLN B 435 -39.79 20.97 17.57
CA GLN B 435 -39.03 20.01 18.40
C GLN B 435 -38.23 20.64 19.56
N LYS B 436 -37.84 21.89 19.41
CA LYS B 436 -37.11 22.61 20.47
C LYS B 436 -37.97 22.94 21.72
N LEU B 437 -39.30 22.79 21.58
CA LEU B 437 -40.22 22.86 22.71
C LEU B 437 -40.29 21.47 23.37
N LEU B 440 -36.31 18.31 26.91
CA LEU B 440 -34.88 18.00 26.79
C LEU B 440 -34.18 19.02 25.89
N GLU B 441 -34.81 19.37 24.77
CA GLU B 441 -34.25 20.36 23.87
C GLU B 441 -34.25 21.74 24.53
N HIS B 442 -35.31 22.04 25.28
CA HIS B 442 -35.40 23.27 26.06
C HIS B 442 -34.27 23.34 27.12
N GLU B 443 -34.10 22.25 27.86
CA GLU B 443 -33.02 22.13 28.87
C GLU B 443 -31.63 22.32 28.24
N LYS B 444 -31.41 21.74 27.06
CA LYS B 444 -30.11 21.82 26.39
C LYS B 444 -29.80 23.26 26.05
N LEU B 445 -30.83 24.00 25.64
CA LEU B 445 -30.70 25.40 25.29
C LEU B 445 -30.26 26.27 26.48
N LEU B 446 -30.91 26.06 27.63
CA LEU B 446 -30.54 26.77 28.84
C LEU B 446 -29.13 26.40 29.29
N ASP B 447 -28.80 25.11 29.27
CA ASP B 447 -27.47 24.64 29.63
C ASP B 447 -26.40 25.22 28.70
N GLU B 448 -26.69 25.26 27.40
CA GLU B 448 -25.77 25.86 26.44
C GLU B 448 -25.51 27.35 26.79
N TYR B 449 -26.57 28.08 27.11
CA TYR B 449 -26.42 29.49 27.48
C TYR B 449 -25.53 29.67 28.72
N LYS B 450 -25.81 28.89 29.76
CA LYS B 450 -25.00 28.92 30.98
C LYS B 450 -23.54 28.62 30.72
N GLU B 451 -23.25 27.61 29.91
CA GLU B 451 -21.86 27.29 29.57
C GLU B 451 -21.20 28.42 28.77
N LEU B 452 -21.95 29.07 27.89
CA LEU B 452 -21.44 30.19 27.12
C LEU B 452 -21.03 31.35 28.02
N LEU B 453 -21.82 31.64 29.05
CA LEU B 453 -21.48 32.71 29.98
C LEU B 453 -20.12 32.48 30.64
N ASP B 454 -19.88 31.24 31.08
CA ASP B 454 -18.58 30.85 31.64
C ASP B 454 -17.44 30.85 30.62
N GLN B 455 -17.73 30.46 29.39
CA GLN B 455 -16.73 30.52 28.33
C GLN B 455 -16.37 31.97 28.04
N ILE B 456 -17.36 32.85 28.02
CA ILE B 456 -17.13 34.26 27.76
C ILE B 456 -16.25 34.92 28.84
N ALA B 457 -16.52 34.60 30.10
CA ALA B 457 -15.70 35.16 31.18
C ALA B 457 -14.25 34.69 31.03
N GLU B 458 -14.06 33.41 30.76
CA GLU B 458 -12.72 32.89 30.56
C GLU B 458 -12.00 33.54 29.37
N LEU B 459 -12.70 33.69 28.25
CA LEU B 459 -12.12 34.30 27.06
C LEU B 459 -11.72 35.78 27.29
N LEU B 460 -12.52 36.51 28.03
CA LEU B 460 -12.16 37.87 28.43
C LEU B 460 -10.90 37.93 29.30
N ARG B 461 -10.76 36.97 30.20
CA ARG B 461 -9.57 36.94 31.06
C ARG B 461 -8.32 36.73 30.22
N ILE B 462 -8.41 35.85 29.24
CA ILE B 462 -7.30 35.55 28.40
C ILE B 462 -6.94 36.82 27.65
N LEU B 463 -7.94 37.48 27.07
CA LEU B 463 -7.66 38.62 26.24
C LEU B 463 -7.09 39.77 27.05
N GLY B 464 -7.50 39.86 28.29
CA GLY B 464 -7.10 40.94 29.14
C GLY B 464 -5.73 40.74 29.76
N SER B 465 -5.10 39.56 29.59
CA SER B 465 -3.89 39.25 30.36
C SER B 465 -2.90 38.50 29.50
N ALA B 466 -1.81 39.17 29.17
CA ALA B 466 -0.72 38.54 28.44
C ALA B 466 -0.20 37.31 29.18
N ASP B 467 -0.10 37.39 30.51
CA ASP B 467 0.30 36.24 31.35
C ASP B 467 -0.61 35.03 31.14
N ARG B 468 -1.92 35.24 31.19
CA ARG B 468 -2.88 34.14 31.01
C ARG B 468 -2.82 33.54 29.60
N LEU B 469 -2.61 34.42 28.63
CA LEU B 469 -2.49 33.97 27.26
C LEU B 469 -1.27 33.04 27.10
N MET B 470 -0.17 33.43 27.74
CA MET B 470 1.05 32.60 27.69
C MET B 470 0.85 31.25 28.40
N GLU B 471 0.02 31.20 29.44
CA GLU B 471 -0.32 29.94 30.13
C GLU B 471 -1.13 28.96 29.26
N VAL B 472 -2.05 29.49 28.45
CA VAL B 472 -2.78 28.66 27.48
C VAL B 472 -1.82 28.05 26.50
N ILE B 473 -0.91 28.88 26.00
CA ILE B 473 0.08 28.40 25.04
C ILE B 473 0.94 27.27 25.69
N ARG B 474 1.36 27.49 26.94
CA ARG B 474 2.19 26.49 27.60
C ARG B 474 1.49 25.15 27.77
N GLU B 475 0.23 25.18 28.16
CA GLU B 475 -0.57 23.95 28.30
C GLU B 475 -0.77 23.25 26.97
N GLU B 476 -1.02 24.02 25.91
CA GLU B 476 -1.12 23.40 24.57
C GLU B 476 0.18 22.69 24.17
N LEU B 477 1.34 23.32 24.41
CA LEU B 477 2.61 22.66 24.06
C LEU B 477 2.85 21.39 24.91
N GLU B 478 2.54 21.44 26.19
CA GLU B 478 2.67 20.28 27.08
C GLU B 478 1.77 19.13 26.65
N LEU B 479 0.54 19.45 26.21
CA LEU B 479 -0.33 18.41 25.69
C LEU B 479 0.23 17.78 24.37
N VAL B 480 0.76 18.58 23.47
CA VAL B 480 1.40 18.07 22.24
C VAL B 480 2.56 17.09 22.56
N ARG B 481 3.39 17.48 23.54
CA ARG B 481 4.50 16.62 23.95
C ARG B 481 3.97 15.29 24.50
N GLU B 482 2.98 15.36 25.36
CA GLU B 482 2.42 14.15 25.94
C GLU B 482 1.77 13.25 24.85
N GLN B 483 1.10 13.86 23.87
CA GLN B 483 0.36 13.05 22.90
C GLN B 483 1.28 12.48 21.81
N PHE B 484 2.28 13.24 21.39
CA PHE B 484 3.02 12.93 20.16
C PHE B 484 4.53 12.78 20.36
N GLY B 485 5.03 13.14 21.55
CA GLY B 485 6.45 12.99 21.84
C GLY B 485 6.91 11.55 21.84
N ASP B 486 8.10 11.31 21.31
CA ASP B 486 8.67 9.97 21.22
C ASP B 486 10.18 10.03 21.51
N LYS B 487 10.85 8.88 21.46
CA LYS B 487 12.27 8.79 21.80
C LYS B 487 13.20 9.27 20.70
N ARG B 488 14.37 9.72 21.09
CA ARG B 488 15.43 10.05 20.15
C ARG B 488 15.83 8.77 19.42
N ARG B 489 16.15 8.90 18.14
CA ARG B 489 16.61 7.77 17.33
C ARG B 489 18.09 7.89 16.99
N THR B 490 18.56 9.09 16.70
CA THR B 490 19.94 9.35 16.26
C THR B 490 20.86 9.60 17.45
N GLU B 491 22.00 8.94 17.50
CA GLU B 491 23.02 9.16 18.52
C GLU B 491 23.90 10.35 18.11
N ILE B 492 24.15 11.26 19.05
CA ILE B 492 25.02 12.41 18.81
C ILE B 492 26.40 12.15 19.42
N THR B 493 27.44 12.27 18.59
CA THR B 493 28.86 12.20 19.02
C THR B 493 29.67 13.35 18.38
CL4 SM8 C . 9.41 -24.15 -17.55
C4G SM8 C . 10.62 -23.76 -18.82
C4F SM8 C . 11.14 -22.47 -19.00
O4B SM8 C . 10.66 -21.54 -18.14
C4E SM8 C . 12.09 -22.20 -20.01
C4D SM8 C . 12.51 -23.27 -20.84
C4C SM8 C . 11.94 -24.55 -20.60
C4H SM8 C . 11.00 -24.73 -19.58
O1D SM8 C . 6.01 -49.79 -17.96
O4C SM8 C . 10.41 -25.95 -19.28
C4I SM8 C . 10.70 -26.99 -19.94
O4D SM8 C . 10.17 -28.07 -19.69
C4B SM8 C . 12.24 -25.68 -21.31
O4A SM8 C . 13.13 -25.65 -22.33
C4A SM8 C . 11.61 -26.89 -20.94
C1D SM8 C . 4.78 -45.85 -22.08
N4 SM8 C . 11.80 -27.98 -21.57
C3J SM8 C . 10.59 -28.54 -21.80
O3B SM8 C . 9.54 -27.85 -21.91
C3I SM8 C . 10.52 -30.07 -21.86
C3H SM8 C . 9.06 -30.48 -22.15
C1N SM8 C . 6.75 -48.19 -19.44
C3G SM8 C . 8.82 -31.95 -22.39
C3F SM8 C . 7.40 -32.20 -22.84
C3E SM8 C . 7.35 -33.69 -23.13
C3D SM8 C . 6.00 -34.21 -23.50
C3C SM8 C . 6.03 -35.66 -23.96
C3B SM8 C . 4.68 -36.17 -24.35
C3A SM8 C . 4.69 -37.63 -24.77
O3A SM8 C . 3.64 -38.12 -25.18
O2D SM8 C . 5.91 -38.26 -24.65
C2C SM8 C . 6.04 -39.64 -25.19
C2D SM8 C . 7.14 -39.76 -26.30
O2B SM8 C . 6.78 -38.94 -27.39
C2G SM8 C . 7.69 -37.97 -27.68
C2H SM8 C . 7.30 -36.99 -28.81
O2C SM8 C . 8.78 -37.85 -27.11
C2E SM8 C . 7.18 -41.22 -26.78
C2F SM8 C . 8.35 -41.46 -27.75
O2A SM8 C . 7.42 -42.04 -25.68
C2B SM8 C . 6.33 -40.66 -24.06
C2A SM8 C . 6.40 -42.05 -24.67
C1A SM8 C . 6.71 -43.09 -23.75
C1S SM8 C . 8.01 -43.33 -23.28
C1R SM8 C . 8.27 -44.42 -22.40
C1Q SM8 C . 7.22 -45.26 -21.97
C1P SM8 C . 7.49 -46.31 -21.06
O1G SM8 C . 8.65 -46.66 -20.88
C1B SM8 C . 5.72 -43.94 -23.32
O1A SM8 C . 4.48 -43.67 -23.78
C1C SM8 C . 5.92 -45.02 -22.46
O1B SM8 C . 3.65 -45.04 -21.81
C1E SM8 C . 5.02 -46.68 -20.81
O1H SM8 C . 5.47 -45.86 -19.74
C1O SM8 C . 6.43 -46.90 -20.31
O1F SM8 C . 7.05 -49.29 -20.29
C1F SM8 C . 3.85 -47.55 -20.27
O4E SM8 C . 3.06 -48.02 -21.33
C1G SM8 C . 4.30 -48.73 -19.42
C1H SM8 C . 5.58 -48.50 -18.55
C1J SM8 C . 5.39 -47.31 -17.52
C1I SM8 C . 6.62 -47.06 -16.86
C1K SM8 C . 6.61 -46.44 -15.61
C1L SM8 C . 7.86 -47.37 -17.42
C1M SM8 C . 7.90 -48.00 -18.66
O1C SM8 C . 8.97 -48.39 -19.09
#